data_6POT
#
_entry.id   6POT
#
_cell.length_a   52.370
_cell.length_b   122.760
_cell.length_c   164.179
_cell.angle_alpha   90.00
_cell.angle_beta   90.00
_cell.angle_gamma   90.00
#
_symmetry.space_group_name_H-M   'P 21 21 21'
#
loop_
_entity.id
_entity.type
_entity.pdbx_description
1 polymer 'Nitric oxide synthase, brain'
2 non-polymer 'PROTOPORPHYRIN IX CONTAINING FE'
3 non-polymer 5,6,7,8-TETRAHYDROBIOPTERIN
4 non-polymer 7-{3-(aminomethyl)-4-[(1,3-thiazol-5-yl)methoxy]phenyl}-4-methylquinolin-2-amine
5 non-polymer GLYCEROL
6 non-polymer 'ZINC ION'
7 water water
#
_entity_poly.entity_id   1
_entity_poly.type   'polypeptide(L)'
_entity_poly.pdbx_seq_one_letter_code
;CPRFLKVKNWETEVVLTDTLHLKSTLETGCTEYICMGSIMHPSQHARRPEDVATKDQLFPLAKEFIDQYYSSIKRFGSKA
HMERLEEVNKEIDTTSTYQLKDTELIYGAKHAWRNASRCVGRIQWSKLQVFDARDCTTAHGMFNYICNHVKYATNKGNLR
SAITIFPQRTDGKHDFRVWNSQLIRYAGYKQPDGSTLGDPANVQFTEICIQQGWKPPRGRFDVLPLLLQANGNDPELFQI
PPELVLEVPIRHPKFEWFKDLGLKWYGLPAVSNMLLEIGGLEFSACPFSGWYMGTEIGVRDYCDNSRYNILEEVAKKMNL
DMRKTSSLWKDQALVEINIAVLYSFQSDKVTIVDHHSATESFIKHMENEYRCRGGCPADWVWIVPPMSGSITPVFHQEML
NYRLTPSFEYQPDPWNTHVWK
;
_entity_poly.pdbx_strand_id   A,B
#
loop_
_chem_comp.id
_chem_comp.type
_chem_comp.name
_chem_comp.formula
GOL non-polymer GLYCEROL 'C3 H8 O3'
H4B non-polymer 5,6,7,8-TETRAHYDROBIOPTERIN 'C9 H15 N5 O3'
HEM non-polymer 'PROTOPORPHYRIN IX CONTAINING FE' 'C34 H32 Fe N4 O4'
OU7 non-polymer 7-{3-(aminomethyl)-4-[(1,3-thiazol-5-yl)methoxy]phenyl}-4-methylquinolin-2-amine 'C21 H20 N4 O S'
ZN non-polymer 'ZINC ION' 'Zn 2'
#
# COMPACT_ATOMS: atom_id res chain seq x y z
N CYS A 1 -7.62 23.07 -9.31
CA CYS A 1 -7.59 21.62 -9.50
C CYS A 1 -8.16 21.21 -10.86
N PRO A 2 -7.50 20.25 -11.52
CA PRO A 2 -8.04 19.70 -12.77
C PRO A 2 -9.38 19.04 -12.52
N ARG A 3 -10.23 19.07 -13.55
CA ARG A 3 -11.65 18.77 -13.36
C ARG A 3 -11.99 17.30 -13.57
N PHE A 4 -11.22 16.58 -14.37
CA PHE A 4 -11.40 15.14 -14.52
C PHE A 4 -10.13 14.44 -14.09
N LEU A 5 -10.26 13.24 -13.53
CA LEU A 5 -9.11 12.48 -13.08
C LEU A 5 -9.34 11.02 -13.36
N LYS A 6 -8.40 10.37 -14.04
CA LYS A 6 -8.56 8.99 -14.44
C LYS A 6 -7.73 8.05 -13.56
N VAL A 7 -8.37 6.95 -13.12
CA VAL A 7 -7.70 5.83 -12.46
C VAL A 7 -7.78 4.63 -13.39
N LYS A 8 -6.68 3.91 -13.51
CA LYS A 8 -6.54 2.77 -14.41
C LYS A 8 -6.41 1.48 -13.61
N ASN A 9 -6.99 0.40 -14.10
CA ASN A 9 -6.80 -0.92 -13.53
C ASN A 9 -5.83 -1.68 -14.43
N TRP A 10 -4.65 -1.97 -13.92
CA TRP A 10 -3.57 -2.48 -14.73
C TRP A 10 -3.72 -3.97 -15.04
N GLU A 11 -4.63 -4.66 -14.36
CA GLU A 11 -4.91 -6.06 -14.64
C GLU A 11 -5.96 -6.23 -15.74
N THR A 12 -6.94 -5.33 -15.82
CA THR A 12 -8.06 -5.46 -16.75
C THR A 12 -8.12 -4.35 -17.80
N GLU A 13 -7.29 -3.32 -17.68
CA GLU A 13 -7.22 -2.14 -18.56
C GLU A 13 -8.37 -1.14 -18.37
N VAL A 14 -9.36 -1.44 -17.53
CA VAL A 14 -10.48 -0.52 -17.34
C VAL A 14 -9.99 0.83 -16.84
N VAL A 15 -10.46 1.91 -17.46
CA VAL A 15 -10.18 3.27 -17.03
C VAL A 15 -11.46 3.91 -16.52
N LEU A 16 -11.38 4.55 -15.36
CA LEU A 16 -12.51 5.25 -14.74
C LEU A 16 -12.16 6.72 -14.58
N THR A 17 -13.20 7.53 -14.46
CA THR A 17 -13.07 8.98 -14.49
C THR A 17 -13.73 9.54 -13.23
N ASP A 18 -12.95 10.24 -12.43
CA ASP A 18 -13.40 10.73 -11.13
C ASP A 18 -13.67 12.22 -11.25
N THR A 19 -14.92 12.60 -11.03
CA THR A 19 -15.25 14.02 -10.87
C THR A 19 -15.57 14.38 -9.43
N LEU A 20 -15.87 13.39 -8.60
CA LEU A 20 -16.30 13.62 -7.23
C LEU A 20 -15.23 14.26 -6.36
N HIS A 21 -13.94 14.07 -6.72
CA HIS A 21 -12.85 14.66 -5.94
C HIS A 21 -12.97 16.17 -5.79
N LEU A 22 -13.68 16.84 -6.70
CA LEU A 22 -13.90 18.28 -6.60
C LEU A 22 -14.78 18.67 -5.41
N LYS A 23 -15.51 17.73 -4.83
CA LYS A 23 -16.28 18.00 -3.62
C LYS A 23 -15.49 17.76 -2.33
N SER A 24 -14.19 17.44 -2.41
CA SER A 24 -13.44 17.13 -1.20
C SER A 24 -13.37 18.36 -0.28
N THR A 25 -13.46 18.13 1.01
CA THR A 25 -13.64 19.25 1.93
C THR A 25 -12.56 19.37 2.98
N LEU A 26 -11.69 18.38 3.14
CA LEU A 26 -10.64 18.51 4.15
C LEU A 26 -9.36 17.88 3.62
N GLU A 27 -8.29 18.08 4.39
CA GLU A 27 -6.94 17.86 3.91
C GLU A 27 -6.50 16.42 4.08
N THR A 28 -5.71 15.93 3.13
CA THR A 28 -5.15 14.59 3.19
C THR A 28 -3.82 14.53 3.94
N GLY A 29 -3.15 15.67 4.09
CA GLY A 29 -1.81 15.70 4.63
C GLY A 29 -0.71 15.77 3.59
N CYS A 30 -1.03 15.44 2.34
CA CYS A 30 -0.09 15.56 1.25
C CYS A 30 0.08 17.03 0.86
N THR A 31 1.18 17.31 0.16
CA THR A 31 1.38 18.57 -0.54
C THR A 31 1.85 18.27 -1.96
N GLU A 32 2.16 19.34 -2.70
CA GLU A 32 2.68 19.17 -4.05
C GLU A 32 4.01 18.42 -4.04
N TYR A 33 4.77 18.52 -2.95
CA TYR A 33 6.13 18.01 -2.88
C TYR A 33 6.33 16.86 -1.90
N ILE A 34 5.29 16.41 -1.21
CA ILE A 34 5.44 15.25 -0.33
C ILE A 34 4.13 14.50 -0.29
N CYS A 35 4.23 13.20 -0.08
CA CYS A 35 3.05 12.35 0.00
C CYS A 35 3.04 11.60 1.32
N MET A 36 1.99 11.81 2.11
CA MET A 36 1.83 11.18 3.40
C MET A 36 0.86 10.01 3.37
N GLY A 37 0.69 9.39 2.21
CA GLY A 37 -0.28 8.31 2.05
C GLY A 37 -0.09 7.11 2.95
N SER A 38 1.06 6.97 3.61
CA SER A 38 1.28 5.88 4.55
C SER A 38 1.46 6.34 6.01
N ILE A 39 1.19 7.61 6.31
CA ILE A 39 1.12 8.08 7.69
C ILE A 39 -0.25 7.75 8.26
N MET A 40 -0.27 7.13 9.45
CA MET A 40 -1.52 6.58 9.96
C MET A 40 -2.53 7.66 10.33
N HIS A 41 -2.09 8.71 11.03
CA HIS A 41 -2.90 9.91 11.26
C HIS A 41 -2.11 11.12 10.79
N PRO A 42 -2.33 11.61 9.56
CA PRO A 42 -1.53 12.74 9.08
C PRO A 42 -1.97 14.08 9.67
N ARG A 48 -7.94 20.77 21.81
CA ARG A 48 -8.33 21.30 23.11
C ARG A 48 -9.82 21.08 23.38
N PRO A 49 -10.16 20.78 24.65
CA PRO A 49 -11.60 20.60 24.99
C PRO A 49 -12.43 21.85 24.77
N GLU A 50 -11.83 23.04 24.91
CA GLU A 50 -12.57 24.28 24.73
C GLU A 50 -13.04 24.46 23.29
N ASP A 51 -12.31 23.91 22.32
CA ASP A 51 -12.51 24.25 20.91
C ASP A 51 -13.72 23.50 20.36
N VAL A 52 -14.83 24.22 20.17
CA VAL A 52 -15.97 23.74 19.41
C VAL A 52 -16.22 24.75 18.28
N ALA A 53 -17.00 24.32 17.29
CA ALA A 53 -17.28 25.16 16.12
C ALA A 53 -18.09 26.38 16.52
N THR A 54 -17.56 27.56 16.16
CA THR A 54 -18.22 28.82 16.43
C THR A 54 -19.43 29.00 15.50
N LYS A 55 -20.29 29.97 15.85
CA LYS A 55 -21.41 30.32 14.99
C LYS A 55 -20.98 30.50 13.55
N ASP A 56 -19.87 31.20 13.32
CA ASP A 56 -19.48 31.56 11.96
C ASP A 56 -18.93 30.37 11.19
N GLN A 57 -18.21 29.47 11.87
CA GLN A 57 -17.70 28.29 11.20
C GLN A 57 -18.81 27.31 10.89
N LEU A 58 -19.88 27.32 11.67
CA LEU A 58 -20.90 26.28 11.60
C LEU A 58 -21.86 26.53 10.43
N PHE A 59 -22.15 27.81 10.14
CA PHE A 59 -23.08 28.21 9.08
C PHE A 59 -22.71 27.56 7.75
N PRO A 60 -21.51 27.80 7.21
CA PRO A 60 -21.21 27.17 5.92
C PRO A 60 -21.19 25.65 5.98
N LEU A 61 -20.72 25.06 7.09
CA LEU A 61 -20.65 23.60 7.16
C LEU A 61 -22.04 22.98 7.17
N ALA A 62 -23.00 23.62 7.84
CA ALA A 62 -24.35 23.07 7.90
C ALA A 62 -25.08 23.25 6.57
N LYS A 63 -25.01 24.44 5.99
CA LYS A 63 -25.65 24.65 4.69
C LYS A 63 -25.08 23.69 3.65
N GLU A 64 -23.77 23.49 3.67
CA GLU A 64 -23.13 22.51 2.81
C GLU A 64 -23.83 21.16 2.92
N PHE A 65 -23.93 20.64 4.14
CA PHE A 65 -24.57 19.34 4.37
C PHE A 65 -26.05 19.36 4.00
N ILE A 66 -26.77 20.42 4.38
CA ILE A 66 -28.21 20.45 4.15
C ILE A 66 -28.51 20.45 2.66
N ASP A 67 -27.79 21.30 1.91
CA ASP A 67 -27.84 21.27 0.45
C ASP A 67 -27.63 19.86 -0.09
N GLN A 68 -26.57 19.21 0.35
CA GLN A 68 -26.25 17.90 -0.19
C GLN A 68 -27.37 16.90 0.11
N TYR A 69 -27.99 17.00 1.29
CA TYR A 69 -29.08 16.09 1.62
C TYR A 69 -30.30 16.31 0.71
N TYR A 70 -30.72 17.57 0.55
CA TYR A 70 -31.86 17.86 -0.31
C TYR A 70 -31.58 17.56 -1.76
N SER A 71 -30.32 17.65 -2.18
CA SER A 71 -29.97 17.23 -3.53
C SER A 71 -30.12 15.71 -3.68
N SER A 72 -29.80 14.96 -2.63
CA SER A 72 -29.86 13.51 -2.69
C SER A 72 -31.29 12.99 -2.80
N ILE A 73 -32.25 13.70 -2.22
CA ILE A 73 -33.64 13.24 -2.24
C ILE A 73 -34.40 13.92 -3.38
N LYS A 74 -33.68 14.50 -4.34
CA LYS A 74 -34.26 15.17 -5.51
C LYS A 74 -35.29 16.22 -5.10
N ARG A 75 -34.92 17.07 -4.14
CA ARG A 75 -35.75 18.19 -3.71
C ARG A 75 -34.93 19.46 -3.56
N PHE A 76 -33.81 19.56 -4.28
CA PHE A 76 -32.90 20.69 -4.15
C PHE A 76 -33.56 21.98 -4.63
N GLY A 77 -33.36 23.05 -3.89
CA GLY A 77 -34.01 24.30 -4.20
C GLY A 77 -35.50 24.34 -3.89
N SER A 78 -36.05 23.28 -3.32
CA SER A 78 -37.47 23.23 -3.04
C SER A 78 -37.81 24.08 -1.81
N LYS A 79 -39.11 24.31 -1.65
CA LYS A 79 -39.63 25.02 -0.49
C LYS A 79 -39.20 24.35 0.81
N ALA A 80 -39.36 23.02 0.88
CA ALA A 80 -38.89 22.29 2.06
C ALA A 80 -37.40 22.46 2.29
N HIS A 81 -36.62 22.63 1.21
CA HIS A 81 -35.18 22.84 1.33
C HIS A 81 -34.87 24.23 1.89
N MET A 82 -35.43 25.27 1.27
CA MET A 82 -35.20 26.63 1.74
C MET A 82 -35.69 26.82 3.17
N GLU A 83 -36.82 26.21 3.52
CA GLU A 83 -37.34 26.32 4.88
C GLU A 83 -36.38 25.68 5.88
N ARG A 84 -35.86 24.51 5.55
CA ARG A 84 -34.93 23.81 6.45
C ARG A 84 -33.65 24.60 6.61
N LEU A 85 -33.18 25.23 5.53
CA LEU A 85 -32.04 26.13 5.60
C LEU A 85 -32.29 27.24 6.60
N GLU A 86 -33.45 27.91 6.47
CA GLU A 86 -33.77 29.01 7.36
C GLU A 86 -33.87 28.55 8.82
N GLU A 87 -34.46 27.37 9.04
CA GLU A 87 -34.63 26.88 10.40
C GLU A 87 -33.29 26.49 11.03
N VAL A 88 -32.42 25.82 10.27
CA VAL A 88 -31.08 25.51 10.74
C VAL A 88 -30.31 26.79 11.06
N ASN A 89 -30.43 27.79 10.18
CA ASN A 89 -29.72 29.05 10.37
C ASN A 89 -30.22 29.77 11.62
N LYS A 90 -31.52 29.70 11.89
CA LYS A 90 -32.07 30.37 13.05
C LYS A 90 -31.59 29.71 14.35
N GLU A 91 -31.51 28.37 14.36
CA GLU A 91 -31.02 27.66 15.54
C GLU A 91 -29.57 28.04 15.84
N ILE A 92 -28.72 28.01 14.81
CA ILE A 92 -27.33 28.37 15.00
C ILE A 92 -27.22 29.79 15.54
N ASP A 93 -28.05 30.69 15.04
CA ASP A 93 -27.97 32.09 15.43
C ASP A 93 -28.30 32.26 16.90
N THR A 94 -29.36 31.60 17.38
CA THR A 94 -29.78 31.78 18.77
C THR A 94 -29.00 30.88 19.72
N THR A 95 -28.82 29.60 19.37
CA THR A 95 -28.26 28.62 20.28
C THR A 95 -26.84 28.18 19.95
N SER A 96 -26.20 28.78 18.94
CA SER A 96 -24.83 28.47 18.54
C SER A 96 -24.65 27.03 18.03
N THR A 97 -25.68 26.20 18.05
CA THR A 97 -25.61 24.87 17.44
C THR A 97 -26.94 24.62 16.71
N TYR A 98 -27.18 23.38 16.31
CA TYR A 98 -28.47 22.97 15.76
C TYR A 98 -28.63 21.47 15.92
N GLN A 99 -29.84 20.98 15.69
CA GLN A 99 -30.14 19.56 15.79
C GLN A 99 -30.47 19.01 14.42
N LEU A 100 -29.93 17.83 14.10
CA LEU A 100 -30.29 17.12 12.89
C LEU A 100 -31.64 16.42 13.04
N LYS A 101 -32.42 16.43 11.96
CA LYS A 101 -33.60 15.59 11.83
C LYS A 101 -33.18 14.13 11.71
N ASP A 102 -34.11 13.23 12.05
CA ASP A 102 -33.85 11.80 11.96
C ASP A 102 -33.46 11.40 10.55
N THR A 103 -34.17 11.92 9.55
CA THR A 103 -33.83 11.63 8.16
C THR A 103 -32.37 11.97 7.86
N GLU A 104 -31.94 13.16 8.31
CA GLU A 104 -30.59 13.65 8.01
C GLU A 104 -29.53 12.91 8.81
N LEU A 105 -29.85 12.51 10.04
CA LEU A 105 -28.93 11.70 10.83
C LEU A 105 -28.66 10.38 10.15
N ILE A 106 -29.72 9.72 9.67
CA ILE A 106 -29.55 8.42 9.01
C ILE A 106 -28.76 8.58 7.72
N TYR A 107 -29.12 9.58 6.91
CA TYR A 107 -28.36 9.91 5.71
C TYR A 107 -26.90 10.19 6.01
N GLY A 108 -26.63 11.03 7.02
CA GLY A 108 -25.26 11.40 7.35
C GLY A 108 -24.41 10.22 7.82
N ALA A 109 -25.00 9.28 8.56
CA ALA A 109 -24.25 8.13 9.04
C ALA A 109 -23.90 7.19 7.89
N LYS A 110 -24.88 6.92 7.03
CA LYS A 110 -24.64 6.11 5.85
C LYS A 110 -23.58 6.73 4.96
N HIS A 111 -23.57 8.04 4.86
CA HIS A 111 -22.60 8.66 3.98
C HIS A 111 -21.23 8.77 4.61
N ALA A 112 -21.13 8.82 5.95
CA ALA A 112 -19.80 8.75 6.55
C ALA A 112 -19.16 7.40 6.30
N TRP A 113 -19.95 6.33 6.27
CA TRP A 113 -19.41 5.02 5.90
C TRP A 113 -19.10 4.96 4.41
N ARG A 114 -20.00 5.49 3.58
CA ARG A 114 -19.78 5.50 2.13
C ARG A 114 -18.52 6.30 1.78
N ASN A 115 -18.21 7.33 2.56
CA ASN A 115 -17.05 8.18 2.32
C ASN A 115 -15.77 7.66 2.95
N ALA A 116 -15.82 6.55 3.67
CA ALA A 116 -14.67 6.06 4.46
C ALA A 116 -13.66 5.39 3.54
N SER A 117 -12.63 6.16 3.15
CA SER A 117 -11.72 5.69 2.11
CA SER A 117 -11.68 5.70 2.13
C SER A 117 -10.98 4.41 2.51
N ARG A 118 -10.76 4.16 3.80
CA ARG A 118 -10.00 2.99 4.25
C ARG A 118 -10.83 1.71 4.35
N CYS A 119 -12.14 1.75 4.11
CA CYS A 119 -13.00 0.59 4.33
C CYS A 119 -13.18 -0.18 3.03
N VAL A 120 -12.81 -1.47 3.04
CA VAL A 120 -13.09 -2.35 1.91
C VAL A 120 -14.52 -2.88 1.94
N GLY A 121 -15.25 -2.63 3.03
CA GLY A 121 -16.58 -3.18 3.12
C GLY A 121 -17.70 -2.36 2.54
N ARG A 122 -17.42 -1.19 1.95
CA ARG A 122 -18.48 -0.21 1.71
C ARG A 122 -19.53 -0.61 0.66
N ILE A 123 -19.47 -1.77 -0.01
CA ILE A 123 -20.58 -2.15 -0.90
C ILE A 123 -21.88 -2.24 -0.11
N GLN A 124 -21.78 -2.40 1.20
CA GLN A 124 -22.90 -2.54 2.12
C GLN A 124 -23.37 -1.22 2.70
N TRP A 125 -22.80 -0.09 2.24
CA TRP A 125 -22.93 1.18 2.96
C TRP A 125 -24.38 1.58 3.21
N SER A 126 -25.30 1.26 2.29
CA SER A 126 -26.67 1.73 2.45
C SER A 126 -27.55 0.82 3.30
N LYS A 127 -27.09 -0.39 3.64
CA LYS A 127 -27.80 -1.27 4.56
C LYS A 127 -27.11 -1.19 5.93
N LEU A 128 -27.36 -0.07 6.60
CA LEU A 128 -26.82 0.19 7.93
C LEU A 128 -27.98 0.57 8.84
N GLN A 129 -28.19 -0.19 9.91
CA GLN A 129 -29.19 0.15 10.93
C GLN A 129 -28.64 1.27 11.81
N VAL A 130 -29.39 2.37 11.90
CA VAL A 130 -28.95 3.54 12.66
C VAL A 130 -29.82 3.67 13.91
N PHE A 131 -29.20 3.61 15.09
CA PHE A 131 -29.92 3.79 16.34
C PHE A 131 -29.67 5.19 16.85
N ASP A 132 -30.74 5.96 16.98
CA ASP A 132 -30.69 7.32 17.50
C ASP A 132 -30.71 7.23 19.03
N ALA A 133 -29.59 7.56 19.66
CA ALA A 133 -29.41 7.56 21.10
C ALA A 133 -29.11 8.96 21.61
N ARG A 134 -29.59 9.99 20.90
CA ARG A 134 -29.31 11.36 21.29
C ARG A 134 -30.12 11.80 22.50
N ASP A 135 -31.03 10.97 23.01
CA ASP A 135 -31.74 11.24 24.25
C ASP A 135 -31.00 10.69 25.48
N CYS A 136 -29.89 9.99 25.30
CA CYS A 136 -29.15 9.43 26.42
C CYS A 136 -28.59 10.53 27.32
N THR A 137 -28.65 10.33 28.64
CA THR A 137 -28.12 11.29 29.61
C THR A 137 -27.10 10.72 30.59
N THR A 138 -27.00 9.39 30.73
CA THR A 138 -26.16 8.79 31.76
C THR A 138 -25.43 7.59 31.16
N ALA A 139 -24.44 7.08 31.90
CA ALA A 139 -23.59 6.01 31.39
C ALA A 139 -24.26 4.65 31.50
N HIS A 140 -25.16 4.51 32.48
CA HIS A 140 -26.11 3.40 32.51
C HIS A 140 -26.99 3.37 31.26
N GLY A 141 -27.51 4.53 30.86
CA GLY A 141 -28.25 4.60 29.62
C GLY A 141 -27.40 4.25 28.41
N MET A 142 -26.15 4.70 28.40
CA MET A 142 -25.21 4.29 27.36
C MET A 142 -25.01 2.79 27.38
N PHE A 143 -24.97 2.18 28.58
CA PHE A 143 -24.80 0.73 28.65
C PHE A 143 -26.00 0.02 28.02
N ASN A 144 -27.21 0.50 28.30
CA ASN A 144 -28.43 -0.06 27.73
C ASN A 144 -28.40 -0.01 26.20
N TYR A 145 -28.09 1.16 25.64
CA TYR A 145 -28.04 1.31 24.19
C TYR A 145 -26.99 0.41 23.55
N ILE A 146 -25.87 0.21 24.23
CA ILE A 146 -24.77 -0.57 23.65
C ILE A 146 -25.08 -2.05 23.66
N CYS A 147 -25.66 -2.56 24.77
CA CYS A 147 -26.15 -3.94 24.81
C CYS A 147 -27.16 -4.20 23.71
N ASN A 148 -28.11 -3.29 23.51
CA ASN A 148 -29.09 -3.52 22.45
C ASN A 148 -28.42 -3.51 21.08
N HIS A 149 -27.38 -2.70 20.91
CA HIS A 149 -26.62 -2.71 19.66
C HIS A 149 -25.96 -4.07 19.46
N VAL A 150 -25.23 -4.56 20.47
CA VAL A 150 -24.53 -5.84 20.35
C VAL A 150 -25.50 -6.95 19.93
N LYS A 151 -26.62 -7.07 20.64
CA LYS A 151 -27.56 -8.17 20.40
C LYS A 151 -28.14 -8.09 18.98
N TYR A 152 -28.56 -6.90 18.56
CA TYR A 152 -29.10 -6.72 17.22
C TYR A 152 -28.07 -7.09 16.16
N ALA A 153 -26.91 -6.42 16.21
CA ALA A 153 -25.84 -6.67 15.24
C ALA A 153 -25.41 -8.13 15.22
N THR A 154 -25.42 -8.78 16.38
CA THR A 154 -24.95 -10.16 16.42
C THR A 154 -25.95 -11.11 15.79
N ASN A 155 -27.23 -10.96 16.11
CA ASN A 155 -28.32 -11.68 15.44
C ASN A 155 -28.03 -13.18 15.38
N LYS A 156 -27.49 -13.71 16.48
CA LYS A 156 -27.21 -15.14 16.63
C LYS A 156 -26.20 -15.65 15.61
N GLY A 157 -25.35 -14.79 15.07
CA GLY A 157 -24.36 -15.17 14.10
C GLY A 157 -24.62 -14.65 12.71
N ASN A 158 -25.86 -14.28 12.41
CA ASN A 158 -26.22 -13.68 11.13
C ASN A 158 -26.07 -12.16 11.23
N LEU A 159 -24.81 -11.73 11.26
CA LEU A 159 -24.49 -10.36 11.66
C LEU A 159 -25.09 -9.34 10.71
N ARG A 160 -25.41 -8.16 11.26
CA ARG A 160 -25.99 -7.03 10.56
C ARG A 160 -25.28 -5.76 10.98
N SER A 161 -24.99 -4.86 10.04
CA SER A 161 -24.19 -3.68 10.35
C SER A 161 -25.04 -2.61 11.02
N ALA A 162 -24.42 -1.83 11.91
CA ALA A 162 -25.19 -0.95 12.78
C ALA A 162 -24.29 0.09 13.43
N ILE A 163 -24.89 1.21 13.79
CA ILE A 163 -24.23 2.30 14.48
C ILE A 163 -25.20 2.87 15.51
N THR A 164 -24.70 3.15 16.70
CA THR A 164 -25.46 3.84 17.73
C THR A 164 -24.84 5.22 17.95
N ILE A 165 -25.65 6.27 17.83
CA ILE A 165 -25.16 7.65 17.81
C ILE A 165 -25.65 8.36 19.08
N PHE A 166 -24.74 8.60 20.01
CA PHE A 166 -25.00 9.33 21.26
C PHE A 166 -24.96 10.84 21.01
N PRO A 167 -25.30 11.67 22.02
CA PRO A 167 -25.43 13.12 21.76
C PRO A 167 -24.16 13.79 21.25
N GLN A 168 -24.36 14.78 20.40
CA GLN A 168 -23.27 15.54 19.83
C GLN A 168 -22.57 16.40 20.88
N ARG A 169 -21.36 16.81 20.54
CA ARG A 169 -20.60 17.73 21.37
C ARG A 169 -21.30 19.08 21.47
N THR A 170 -21.19 19.72 22.63
CA THR A 170 -21.79 21.03 22.83
C THR A 170 -20.72 22.07 23.10
N ASP A 171 -20.21 22.12 24.32
CA ASP A 171 -19.15 23.05 24.66
C ASP A 171 -17.80 22.37 24.83
N GLY A 172 -17.71 21.06 24.55
CA GLY A 172 -16.48 20.32 24.70
C GLY A 172 -16.18 19.86 26.11
N LYS A 173 -16.90 20.36 27.11
CA LYS A 173 -16.75 19.93 28.47
C LYS A 173 -17.86 18.97 28.89
N HIS A 174 -18.73 18.57 27.95
CA HIS A 174 -19.83 17.65 28.24
C HIS A 174 -19.88 16.49 27.26
N ASP A 175 -18.72 16.02 26.79
CA ASP A 175 -18.71 14.98 25.77
C ASP A 175 -19.22 13.65 26.30
N PHE A 176 -19.89 12.90 25.42
CA PHE A 176 -20.09 11.46 25.56
C PHE A 176 -18.93 10.74 24.87
N ARG A 177 -18.31 9.78 25.55
CA ARG A 177 -17.24 8.97 24.96
C ARG A 177 -17.40 7.53 25.40
N VAL A 178 -17.10 6.59 24.49
CA VAL A 178 -16.80 5.20 24.86
C VAL A 178 -15.28 5.12 24.98
N TRP A 179 -14.77 4.79 26.17
CA TRP A 179 -13.33 4.77 26.35
C TRP A 179 -12.70 3.55 25.67
N ASN A 180 -13.44 2.45 25.53
CA ASN A 180 -12.96 1.30 24.78
C ASN A 180 -12.73 1.66 23.32
N SER A 181 -11.75 1.00 22.71
CA SER A 181 -11.50 1.21 21.29
C SER A 181 -12.44 0.37 20.44
N GLN A 182 -12.79 -0.81 20.93
CA GLN A 182 -13.90 -1.60 20.42
C GLN A 182 -14.78 -2.02 21.58
N LEU A 183 -16.06 -2.29 21.28
CA LEU A 183 -16.98 -2.70 22.34
C LEU A 183 -16.57 -4.04 22.94
N ILE A 184 -16.13 -4.98 22.12
CA ILE A 184 -15.65 -6.28 22.59
C ILE A 184 -14.15 -6.39 22.25
N ARG A 185 -13.29 -6.42 23.28
CA ARG A 185 -11.89 -6.82 23.13
C ARG A 185 -11.46 -7.65 24.33
N TYR A 186 -10.35 -8.37 24.15
CA TYR A 186 -9.77 -9.18 25.22
C TYR A 186 -8.71 -8.40 25.98
N ALA A 187 -8.63 -8.65 27.29
CA ALA A 187 -7.67 -7.97 28.14
C ALA A 187 -6.24 -8.45 27.86
N GLY A 188 -5.29 -7.56 28.11
CA GLY A 188 -3.88 -7.91 28.12
C GLY A 188 -3.21 -7.52 29.41
N TYR A 189 -2.37 -8.40 29.94
CA TYR A 189 -1.73 -8.20 31.23
C TYR A 189 -0.23 -8.33 31.08
N LYS A 190 0.49 -7.23 31.31
CA LYS A 190 1.95 -7.32 31.39
C LYS A 190 2.34 -8.02 32.69
N GLN A 191 3.23 -8.96 32.58
CA GLN A 191 3.70 -9.67 33.76
C GLN A 191 4.93 -8.99 34.32
N PRO A 192 5.20 -9.14 35.62
CA PRO A 192 6.43 -8.54 36.18
C PRO A 192 7.71 -9.04 35.50
N ASP A 193 7.66 -10.16 34.79
CA ASP A 193 8.79 -10.68 34.04
C ASP A 193 8.83 -10.18 32.59
N GLY A 194 7.98 -9.23 32.24
CA GLY A 194 8.01 -8.61 30.94
C GLY A 194 7.12 -9.26 29.89
N SER A 195 6.76 -10.53 30.07
CA SER A 195 5.88 -11.20 29.11
C SER A 195 4.45 -10.67 29.26
N THR A 196 3.60 -11.07 28.32
CA THR A 196 2.21 -10.59 28.26
C THR A 196 1.25 -11.76 28.19
N LEU A 197 0.20 -11.72 29.01
CA LEU A 197 -0.92 -12.64 28.93
C LEU A 197 -2.14 -11.92 28.37
N GLY A 198 -2.91 -12.62 27.52
CA GLY A 198 -3.99 -11.98 26.81
C GLY A 198 -3.55 -11.28 25.54
N ASP A 199 -4.12 -10.12 25.23
CA ASP A 199 -3.89 -9.43 23.97
C ASP A 199 -2.97 -8.25 24.19
N PRO A 200 -1.75 -8.27 23.67
CA PRO A 200 -0.80 -7.18 23.98
C PRO A 200 -1.25 -5.82 23.48
N ALA A 201 -2.07 -5.77 22.43
CA ALA A 201 -2.62 -4.49 21.96
C ALA A 201 -3.44 -3.78 23.02
N ASN A 202 -3.94 -4.49 24.03
CA ASN A 202 -4.92 -3.93 24.95
C ASN A 202 -4.38 -3.71 26.36
N VAL A 203 -3.07 -3.76 26.54
CA VAL A 203 -2.48 -3.68 27.88
C VAL A 203 -2.82 -2.35 28.55
N GLN A 204 -2.78 -1.26 27.79
CA GLN A 204 -2.97 0.06 28.40
C GLN A 204 -4.40 0.24 28.87
N PHE A 205 -5.36 -0.05 27.99
CA PHE A 205 -6.76 0.06 28.40
C PHE A 205 -7.08 -0.91 29.52
N THR A 206 -6.46 -2.10 29.51
CA THR A 206 -6.69 -3.03 30.61
C THR A 206 -6.24 -2.44 31.93
N GLU A 207 -5.08 -1.76 31.93
CA GLU A 207 -4.57 -1.16 33.16
C GLU A 207 -5.49 -0.06 33.67
N ILE A 208 -5.99 0.78 32.77
CA ILE A 208 -6.98 1.81 33.12
C ILE A 208 -8.20 1.17 33.77
N CYS A 209 -8.70 0.07 33.20
CA CYS A 209 -9.88 -0.58 33.76
C CYS A 209 -9.61 -1.07 35.17
N ILE A 210 -8.41 -1.61 35.38
CA ILE A 210 -8.06 -2.15 36.69
C ILE A 210 -7.95 -1.02 37.71
N GLN A 211 -7.39 0.11 37.30
CA GLN A 211 -7.38 1.27 38.19
C GLN A 211 -8.81 1.71 38.53
N GLN A 212 -9.72 1.67 37.55
CA GLN A 212 -11.07 2.12 37.76
C GLN A 212 -11.92 1.15 38.57
N GLY A 213 -11.35 0.03 39.02
CA GLY A 213 -12.05 -0.90 39.88
C GLY A 213 -12.24 -2.29 39.33
N TRP A 214 -11.98 -2.54 38.05
CA TRP A 214 -12.21 -3.85 37.47
C TRP A 214 -11.39 -4.93 38.17
N LYS A 215 -12.03 -6.05 38.48
CA LYS A 215 -11.34 -7.23 39.00
C LYS A 215 -10.99 -8.12 37.82
N PRO A 216 -9.73 -8.23 37.44
CA PRO A 216 -9.37 -9.01 36.25
C PRO A 216 -9.39 -10.50 36.55
N PRO A 217 -9.98 -11.31 35.67
CA PRO A 217 -9.80 -12.76 35.80
C PRO A 217 -8.38 -13.20 35.51
N ARG A 218 -7.61 -12.41 34.76
CA ARG A 218 -6.25 -12.75 34.36
C ARG A 218 -6.24 -14.08 33.59
N GLY A 219 -6.85 -14.03 32.41
CA GLY A 219 -6.83 -15.13 31.47
C GLY A 219 -6.38 -14.68 30.08
N ARG A 220 -6.41 -15.62 29.14
CA ARG A 220 -6.03 -15.33 27.76
C ARG A 220 -7.10 -14.54 27.02
N PHE A 221 -8.38 -14.74 27.37
CA PHE A 221 -9.51 -14.25 26.59
C PHE A 221 -10.60 -13.68 27.51
N ASP A 222 -10.22 -12.72 28.33
CA ASP A 222 -11.18 -12.06 29.22
C ASP A 222 -11.77 -10.86 28.48
N VAL A 223 -13.08 -10.89 28.24
CA VAL A 223 -13.72 -9.74 27.60
C VAL A 223 -13.64 -8.54 28.52
N LEU A 224 -13.14 -7.44 27.99
CA LEU A 224 -12.93 -6.23 28.76
C LEU A 224 -14.27 -5.59 29.12
N PRO A 225 -14.34 -4.89 30.24
CA PRO A 225 -15.59 -4.19 30.58
C PRO A 225 -15.73 -2.95 29.74
N LEU A 226 -16.96 -2.43 29.69
CA LEU A 226 -17.18 -1.15 29.06
C LEU A 226 -16.84 -0.02 30.03
N LEU A 227 -16.14 0.97 29.52
CA LEU A 227 -15.81 2.19 30.26
C LEU A 227 -16.49 3.32 29.51
N LEU A 228 -17.49 3.95 30.14
CA LEU A 228 -18.45 4.79 29.43
C LEU A 228 -18.58 6.15 30.10
N GLN A 229 -18.50 7.21 29.29
CA GLN A 229 -18.53 8.57 29.78
C GLN A 229 -19.73 9.30 29.17
N ALA A 230 -20.54 9.92 30.02
CA ALA A 230 -21.77 10.60 29.58
C ALA A 230 -21.73 12.04 30.06
N ASN A 231 -22.06 12.95 29.16
CA ASN A 231 -22.22 14.37 29.48
C ASN A 231 -20.98 14.95 30.18
N GLY A 232 -19.79 14.45 29.81
CA GLY A 232 -18.55 14.95 30.36
C GLY A 232 -18.18 14.42 31.73
N ASN A 233 -18.99 13.55 32.34
CA ASN A 233 -18.67 13.01 33.65
C ASN A 233 -17.57 11.97 33.57
N ASP A 234 -16.99 11.67 34.75
CA ASP A 234 -16.04 10.58 34.86
C ASP A 234 -16.67 9.30 34.32
N PRO A 235 -15.89 8.43 33.67
CA PRO A 235 -16.46 7.24 33.06
C PRO A 235 -16.76 6.16 34.07
N GLU A 236 -17.62 5.21 33.68
CA GLU A 236 -18.05 4.17 34.59
C GLU A 236 -17.91 2.79 33.96
N LEU A 237 -17.72 1.80 34.80
CA LEU A 237 -17.53 0.42 34.36
C LEU A 237 -18.84 -0.37 34.33
N PHE A 238 -18.92 -1.29 33.37
CA PHE A 238 -20.07 -2.16 33.18
C PHE A 238 -19.59 -3.46 32.54
N GLN A 239 -20.01 -4.60 33.07
CA GLN A 239 -19.70 -5.87 32.44
C GLN A 239 -20.75 -6.20 31.39
N ILE A 240 -20.31 -6.51 30.18
CA ILE A 240 -21.27 -6.90 29.14
C ILE A 240 -21.82 -8.27 29.48
N PRO A 241 -23.13 -8.50 29.38
CA PRO A 241 -23.66 -9.84 29.63
C PRO A 241 -22.99 -10.85 28.71
N PRO A 242 -22.28 -11.83 29.29
CA PRO A 242 -21.53 -12.80 28.47
C PRO A 242 -22.36 -13.52 27.44
N GLU A 243 -23.66 -13.70 27.66
CA GLU A 243 -24.52 -14.36 26.67
C GLU A 243 -24.67 -13.52 25.40
N LEU A 244 -24.35 -12.23 25.48
CA LEU A 244 -24.35 -11.35 24.33
C LEU A 244 -23.06 -11.38 23.53
N VAL A 245 -21.99 -11.98 24.05
CA VAL A 245 -20.69 -11.98 23.38
C VAL A 245 -20.56 -13.32 22.65
N LEU A 246 -20.85 -13.30 21.36
CA LEU A 246 -20.73 -14.48 20.53
C LEU A 246 -19.25 -14.73 20.23
N GLU A 247 -18.82 -15.99 20.35
CA GLU A 247 -17.43 -16.37 20.22
C GLU A 247 -17.28 -17.64 19.39
N VAL A 248 -16.16 -17.74 18.67
CA VAL A 248 -15.87 -18.88 17.80
C VAL A 248 -14.58 -19.53 18.24
N PRO A 249 -14.59 -20.81 18.63
CA PRO A 249 -13.32 -21.50 18.89
C PRO A 249 -12.65 -21.83 17.57
N ILE A 250 -11.34 -21.57 17.49
CA ILE A 250 -10.60 -21.70 16.25
C ILE A 250 -10.04 -23.10 16.13
N ARG A 251 -10.41 -23.80 15.05
CA ARG A 251 -9.90 -25.12 14.74
C ARG A 251 -9.56 -25.17 13.25
N HIS A 252 -8.92 -26.27 12.83
CA HIS A 252 -8.40 -26.38 11.47
C HIS A 252 -9.01 -27.59 10.77
N PRO A 253 -9.36 -27.46 9.49
CA PRO A 253 -10.04 -28.59 8.81
C PRO A 253 -9.16 -29.81 8.61
N LYS A 254 -7.84 -29.68 8.68
CA LYS A 254 -6.95 -30.81 8.49
C LYS A 254 -6.11 -31.12 9.72
N PHE A 255 -5.70 -30.11 10.48
CA PHE A 255 -4.79 -30.28 11.61
C PHE A 255 -5.61 -30.46 12.88
N GLU A 256 -5.73 -31.70 13.35
CA GLU A 256 -6.48 -31.96 14.58
C GLU A 256 -5.86 -31.26 15.77
N TRP A 257 -4.56 -30.99 15.72
CA TRP A 257 -3.89 -30.36 16.86
C TRP A 257 -4.17 -28.86 16.96
N PHE A 258 -4.75 -28.25 15.92
CA PHE A 258 -4.95 -26.80 15.97
C PHE A 258 -5.89 -26.40 17.11
N LYS A 259 -6.94 -27.19 17.35
CA LYS A 259 -7.82 -26.88 18.48
C LYS A 259 -7.06 -26.91 19.79
N ASP A 260 -6.00 -27.72 19.89
CA ASP A 260 -5.26 -27.82 21.14
C ASP A 260 -4.47 -26.56 21.46
N LEU A 261 -4.53 -25.54 20.62
CA LEU A 261 -3.94 -24.24 20.93
C LEU A 261 -4.83 -23.38 21.81
N GLY A 262 -6.09 -23.78 22.01
CA GLY A 262 -7.01 -23.05 22.85
C GLY A 262 -7.32 -21.64 22.38
N LEU A 263 -7.38 -21.42 21.07
CA LEU A 263 -7.69 -20.10 20.55
C LEU A 263 -9.19 -19.96 20.27
N LYS A 264 -9.69 -18.75 20.47
CA LYS A 264 -11.05 -18.37 20.09
C LYS A 264 -11.05 -16.89 19.78
N TRP A 265 -12.10 -16.45 19.08
CA TRP A 265 -12.24 -15.01 18.82
C TRP A 265 -13.71 -14.65 18.88
N TYR A 266 -13.97 -13.36 19.02
CA TYR A 266 -15.35 -12.88 19.10
C TYR A 266 -15.88 -12.57 17.71
N GLY A 267 -17.21 -12.70 17.56
CA GLY A 267 -17.81 -12.55 16.24
C GLY A 267 -17.97 -11.13 15.75
N LEU A 268 -18.03 -10.16 16.66
CA LEU A 268 -18.54 -8.84 16.29
C LEU A 268 -17.45 -7.78 16.37
N PRO A 269 -17.02 -7.23 15.25
CA PRO A 269 -16.06 -6.12 15.29
C PRO A 269 -16.79 -4.80 15.39
N ALA A 270 -16.58 -4.07 16.48
CA ALA A 270 -17.44 -2.93 16.82
C ALA A 270 -16.53 -1.79 17.28
N VAL A 271 -16.21 -0.87 16.37
CA VAL A 271 -15.29 0.20 16.67
C VAL A 271 -16.01 1.35 17.34
N SER A 272 -15.44 1.82 18.46
CA SER A 272 -16.17 2.70 19.36
C SER A 272 -15.38 3.95 19.75
N ASN A 273 -14.23 4.20 19.14
CA ASN A 273 -13.41 5.33 19.59
C ASN A 273 -13.26 6.40 18.53
N MET A 274 -14.02 6.35 17.44
CA MET A 274 -13.93 7.37 16.41
C MET A 274 -15.05 8.39 16.54
N LEU A 275 -14.95 9.44 15.72
CA LEU A 275 -15.83 10.58 15.79
C LEU A 275 -16.56 10.73 14.47
N LEU A 276 -17.88 10.95 14.55
CA LEU A 276 -18.72 11.11 13.38
C LEU A 276 -19.02 12.59 13.20
N GLU A 277 -18.66 13.15 12.05
CA GLU A 277 -18.89 14.56 11.75
C GLU A 277 -20.01 14.67 10.71
N ILE A 278 -21.09 15.38 11.07
CA ILE A 278 -22.20 15.65 10.15
C ILE A 278 -22.57 17.12 10.21
N GLY A 279 -22.55 17.78 9.05
CA GLY A 279 -22.92 19.18 8.96
C GLY A 279 -22.21 20.07 9.97
N GLY A 280 -20.94 19.77 10.26
CA GLY A 280 -20.20 20.48 11.28
C GLY A 280 -20.54 20.11 12.71
N LEU A 281 -21.40 19.12 12.93
CA LEU A 281 -21.70 18.60 14.25
C LEU A 281 -20.79 17.42 14.56
N GLU A 282 -20.48 17.22 15.85
CA GLU A 282 -19.45 16.28 16.27
C GLU A 282 -20.04 15.25 17.22
N PHE A 283 -20.11 14.01 16.77
CA PHE A 283 -20.67 12.93 17.56
C PHE A 283 -19.49 12.08 18.04
N SER A 284 -18.91 12.47 19.17
CA SER A 284 -17.73 11.84 19.77
C SER A 284 -18.00 10.44 20.31
N ALA A 285 -19.25 9.99 20.36
CA ALA A 285 -19.55 8.60 20.72
C ALA A 285 -20.55 8.08 19.70
N CYS A 286 -20.12 7.12 18.91
CA CYS A 286 -20.87 6.64 17.76
C CYS A 286 -20.44 5.23 17.37
N PRO A 287 -20.49 4.24 18.27
CA PRO A 287 -19.95 2.91 17.93
C PRO A 287 -20.68 2.28 16.75
N PHE A 288 -19.90 1.67 15.86
CA PHE A 288 -20.43 1.07 14.65
C PHE A 288 -19.79 -0.29 14.43
N SER A 289 -20.54 -1.18 13.80
CA SER A 289 -20.13 -2.58 13.72
C SER A 289 -20.58 -3.13 12.37
N GLY A 290 -19.81 -4.09 11.87
CA GLY A 290 -20.18 -4.87 10.71
C GLY A 290 -19.84 -6.34 10.91
N TRP A 291 -18.97 -6.89 10.07
CA TRP A 291 -18.49 -8.25 10.28
C TRP A 291 -17.05 -8.35 9.80
N TYR A 292 -16.36 -9.35 10.31
CA TYR A 292 -14.93 -9.47 10.09
C TYR A 292 -14.58 -9.90 8.66
N MET A 293 -13.49 -9.32 8.14
CA MET A 293 -12.70 -9.99 7.12
C MET A 293 -11.73 -10.89 7.85
N GLY A 294 -11.59 -12.13 7.38
CA GLY A 294 -10.81 -13.12 8.11
C GLY A 294 -9.40 -12.69 8.44
N THR A 295 -8.77 -11.92 7.55
CA THR A 295 -7.39 -11.52 7.76
C THR A 295 -7.23 -10.56 8.93
N GLU A 296 -8.30 -9.85 9.30
CA GLU A 296 -8.24 -8.96 10.45
C GLU A 296 -7.98 -9.74 11.74
N ILE A 297 -8.53 -10.94 11.82
CA ILE A 297 -8.20 -11.88 12.91
C ILE A 297 -6.97 -12.71 12.57
N GLY A 298 -6.97 -13.30 11.37
CA GLY A 298 -5.99 -14.33 11.04
C GLY A 298 -4.57 -13.81 10.81
N VAL A 299 -4.43 -12.61 10.27
CA VAL A 299 -3.12 -12.02 10.04
C VAL A 299 -2.75 -11.05 11.16
N ARG A 300 -3.62 -10.08 11.44
CA ARG A 300 -3.26 -9.00 12.36
C ARG A 300 -3.43 -9.43 13.83
N ASP A 301 -4.64 -9.85 14.21
CA ASP A 301 -4.98 -10.18 15.59
C ASP A 301 -4.20 -11.35 16.15
N TYR A 302 -3.56 -12.16 15.31
CA TYR A 302 -2.89 -13.36 15.77
C TYR A 302 -1.40 -13.38 15.48
N CYS A 303 -0.98 -12.88 14.32
CA CYS A 303 0.38 -13.06 13.82
C CYS A 303 1.27 -11.83 13.94
N ASP A 304 0.68 -10.63 14.05
CA ASP A 304 1.45 -9.45 14.40
C ASP A 304 2.31 -9.73 15.63
N ASN A 305 3.57 -9.27 15.58
CA ASN A 305 4.52 -9.57 16.64
C ASN A 305 4.06 -8.99 17.97
N SER A 306 3.57 -7.74 17.96
CA SER A 306 2.98 -7.10 19.13
C SER A 306 1.51 -7.46 19.33
N ARG A 307 1.09 -8.62 18.81
CA ARG A 307 -0.22 -9.20 19.12
C ARG A 307 -0.05 -10.60 19.71
N TYR A 308 -0.84 -11.58 19.27
CA TYR A 308 -0.79 -12.87 19.94
C TYR A 308 0.39 -13.73 19.52
N ASN A 309 1.14 -13.32 18.47
CA ASN A 309 2.36 -13.96 17.97
C ASN A 309 2.43 -15.48 18.19
N ILE A 310 1.44 -16.18 17.64
CA ILE A 310 1.38 -17.63 17.65
C ILE A 310 1.97 -18.23 16.39
N LEU A 311 2.45 -17.37 15.47
CA LEU A 311 3.15 -17.82 14.27
C LEU A 311 4.19 -18.88 14.58
N GLU A 312 5.07 -18.61 15.55
CA GLU A 312 6.08 -19.58 15.95
C GLU A 312 5.44 -20.87 16.42
N GLU A 313 4.39 -20.76 17.25
CA GLU A 313 3.79 -21.96 17.81
C GLU A 313 3.11 -22.80 16.73
N VAL A 314 2.48 -22.15 15.75
CA VAL A 314 1.86 -22.90 14.66
C VAL A 314 2.93 -23.57 13.82
N ALA A 315 4.00 -22.85 13.50
CA ALA A 315 5.05 -23.43 12.66
C ALA A 315 5.75 -24.58 13.36
N LYS A 316 5.84 -24.53 14.70
CA LYS A 316 6.44 -25.63 15.44
C LYS A 316 5.66 -26.92 15.27
N LYS A 317 4.33 -26.86 15.46
CA LYS A 317 3.48 -28.03 15.28
C LYS A 317 3.35 -28.45 13.82
N MET A 318 3.79 -27.62 12.89
CA MET A 318 3.79 -27.96 11.47
C MET A 318 5.10 -28.59 11.02
N ASN A 319 6.11 -28.64 11.89
CA ASN A 319 7.43 -29.21 11.57
C ASN A 319 8.08 -28.47 10.40
N LEU A 320 8.21 -27.16 10.58
CA LEU A 320 8.77 -26.28 9.57
C LEU A 320 10.18 -25.86 9.99
N ASP A 321 11.08 -25.74 9.02
CA ASP A 321 12.43 -25.30 9.32
C ASP A 321 12.40 -23.81 9.61
N MET A 322 12.45 -23.46 10.90
CA MET A 322 12.44 -22.07 11.33
C MET A 322 13.84 -21.49 11.50
N ARG A 323 14.86 -22.14 10.92
CA ARG A 323 16.22 -21.64 11.05
C ARG A 323 16.57 -20.58 10.02
N LYS A 324 15.94 -20.61 8.85
CA LYS A 324 16.15 -19.57 7.84
C LYS A 324 14.81 -19.02 7.40
N THR A 325 14.81 -17.72 7.11
CA THR A 325 13.59 -17.07 6.65
C THR A 325 13.20 -17.52 5.25
N SER A 326 14.18 -17.91 4.43
CA SER A 326 13.90 -18.26 3.03
C SER A 326 13.16 -19.58 2.90
N SER A 327 12.96 -20.32 4.00
CA SER A 327 12.05 -21.45 3.95
C SER A 327 10.60 -21.01 3.83
N LEU A 328 10.30 -19.73 4.12
CA LEU A 328 8.94 -19.17 4.10
C LEU A 328 8.04 -19.79 5.16
N TRP A 329 8.63 -20.25 6.26
CA TRP A 329 7.85 -20.90 7.32
C TRP A 329 6.83 -19.94 7.91
N LYS A 330 7.15 -18.65 7.98
CA LYS A 330 6.16 -17.67 8.42
C LYS A 330 4.99 -17.62 7.44
N ASP A 331 5.28 -17.57 6.14
CA ASP A 331 4.20 -17.41 5.18
C ASP A 331 3.28 -18.63 5.19
N GLN A 332 3.87 -19.81 5.39
CA GLN A 332 3.09 -21.04 5.37
C GLN A 332 2.19 -21.15 6.60
N ALA A 333 2.69 -20.70 7.75
CA ALA A 333 1.86 -20.72 8.96
C ALA A 333 0.74 -19.71 8.89
N LEU A 334 1.03 -18.54 8.30
CA LEU A 334 0.02 -17.50 8.14
C LEU A 334 -1.19 -17.98 7.33
N VAL A 335 -0.94 -18.73 6.26
CA VAL A 335 -2.04 -19.19 5.43
C VAL A 335 -2.90 -20.19 6.19
N GLU A 336 -2.27 -21.11 6.91
CA GLU A 336 -3.04 -22.12 7.64
C GLU A 336 -3.90 -21.49 8.72
N ILE A 337 -3.33 -20.53 9.48
CA ILE A 337 -4.09 -19.85 10.51
C ILE A 337 -5.30 -19.16 9.91
N ASN A 338 -5.10 -18.42 8.82
CA ASN A 338 -6.25 -17.80 8.17
C ASN A 338 -7.19 -18.83 7.59
N ILE A 339 -6.70 -20.01 7.23
CA ILE A 339 -7.63 -21.04 6.80
C ILE A 339 -8.49 -21.49 7.98
N ALA A 340 -7.86 -21.74 9.13
CA ALA A 340 -8.59 -22.13 10.34
C ALA A 340 -9.66 -21.11 10.70
N VAL A 341 -9.30 -19.82 10.67
CA VAL A 341 -10.21 -18.76 11.09
C VAL A 341 -11.47 -18.75 10.22
N LEU A 342 -11.30 -18.84 8.89
CA LEU A 342 -12.47 -18.86 8.02
C LEU A 342 -13.30 -20.13 8.20
N TYR A 343 -12.64 -21.26 8.47
CA TYR A 343 -13.35 -22.52 8.62
C TYR A 343 -14.10 -22.58 9.95
N SER A 344 -13.59 -21.97 11.00
CA SER A 344 -14.27 -22.00 12.30
C SER A 344 -15.49 -21.09 12.29
N PHE A 345 -15.38 -19.93 11.66
CA PHE A 345 -16.53 -19.03 11.56
C PHE A 345 -17.63 -19.60 10.67
N GLN A 346 -17.26 -20.23 9.56
CA GLN A 346 -18.28 -20.77 8.66
C GLN A 346 -18.97 -21.97 9.27
N SER A 347 -18.22 -22.81 9.99
CA SER A 347 -18.80 -23.98 10.64
C SER A 347 -19.87 -23.57 11.66
N ASP A 348 -19.57 -22.57 12.48
CA ASP A 348 -20.52 -22.06 13.46
C ASP A 348 -21.50 -21.05 12.87
N LYS A 349 -21.50 -20.88 11.54
CA LYS A 349 -22.45 -20.01 10.83
C LYS A 349 -22.42 -18.57 11.35
N VAL A 350 -21.24 -18.10 11.75
CA VAL A 350 -21.03 -16.68 12.04
C VAL A 350 -20.53 -16.01 10.76
N THR A 351 -21.16 -14.91 10.39
CA THR A 351 -20.81 -14.20 9.17
C THR A 351 -19.32 -13.81 9.18
N ILE A 352 -18.67 -13.99 8.03
CA ILE A 352 -17.26 -13.67 7.85
C ILE A 352 -16.98 -13.71 6.36
N VAL A 353 -16.09 -12.84 5.87
CA VAL A 353 -15.78 -12.74 4.46
C VAL A 353 -14.28 -12.94 4.28
N ASP A 354 -13.90 -13.81 3.35
CA ASP A 354 -12.48 -13.94 3.02
C ASP A 354 -12.02 -12.71 2.25
N HIS A 355 -10.71 -12.56 2.15
CA HIS A 355 -10.18 -11.35 1.52
C HIS A 355 -10.29 -11.39 -0.01
N HIS A 356 -10.42 -12.56 -0.62
CA HIS A 356 -10.68 -12.58 -2.06
C HIS A 356 -12.07 -12.03 -2.35
N SER A 357 -13.08 -12.51 -1.63
CA SER A 357 -14.47 -12.11 -1.90
CA SER A 357 -14.46 -12.11 -1.91
C SER A 357 -14.69 -10.64 -1.59
N ALA A 358 -14.04 -10.13 -0.54
CA ALA A 358 -14.24 -8.73 -0.15
C ALA A 358 -13.57 -7.79 -1.13
N THR A 359 -12.36 -8.11 -1.57
CA THR A 359 -11.70 -7.24 -2.54
C THR A 359 -12.42 -7.29 -3.89
N GLU A 360 -12.96 -8.45 -4.25
CA GLU A 360 -13.72 -8.53 -5.50
C GLU A 360 -15.06 -7.79 -5.40
N SER A 361 -15.70 -7.79 -4.22
CA SER A 361 -16.87 -6.94 -4.06
C SER A 361 -16.50 -5.47 -4.16
N PHE A 362 -15.38 -5.09 -3.57
CA PHE A 362 -15.01 -3.69 -3.52
C PHE A 362 -14.74 -3.13 -4.91
N ILE A 363 -14.14 -3.92 -5.79
CA ILE A 363 -13.95 -3.47 -7.17
C ILE A 363 -15.30 -3.20 -7.81
N LYS A 364 -16.21 -4.19 -7.72
CA LYS A 364 -17.56 -4.01 -8.25
C LYS A 364 -18.23 -2.78 -7.65
N HIS A 365 -18.12 -2.62 -6.32
CA HIS A 365 -18.67 -1.43 -5.67
C HIS A 365 -18.05 -0.15 -6.20
N MET A 366 -16.71 -0.07 -6.20
CA MET A 366 -16.02 1.12 -6.68
C MET A 366 -16.46 1.54 -8.07
N GLU A 367 -16.59 0.58 -8.98
CA GLU A 367 -17.03 0.91 -10.33
C GLU A 367 -18.44 1.50 -10.33
N ASN A 368 -19.36 0.92 -9.58
CA ASN A 368 -20.71 1.47 -9.53
C ASN A 368 -20.70 2.89 -8.98
N GLU A 369 -19.85 3.15 -7.98
CA GLU A 369 -19.71 4.50 -7.42
C GLU A 369 -19.21 5.47 -8.47
N TYR A 370 -18.19 5.08 -9.23
CA TYR A 370 -17.72 5.93 -10.31
C TYR A 370 -18.84 6.20 -11.30
N ARG A 371 -19.66 5.18 -11.59
CA ARG A 371 -20.77 5.34 -12.53
C ARG A 371 -21.86 6.25 -11.98
N CYS A 372 -22.43 5.91 -10.83
CA CYS A 372 -23.59 6.62 -10.29
CA CYS A 372 -23.59 6.65 -10.36
C CYS A 372 -23.24 7.86 -9.50
N ARG A 373 -22.01 7.96 -9.00
CA ARG A 373 -21.63 9.08 -8.13
C ARG A 373 -20.47 9.93 -8.65
N GLY A 374 -19.70 9.44 -9.63
CA GLY A 374 -18.60 10.19 -10.18
C GLY A 374 -17.29 9.98 -9.48
N GLY A 375 -17.20 8.97 -8.61
CA GLY A 375 -15.97 8.69 -7.89
C GLY A 375 -16.22 7.75 -6.73
N CYS A 376 -15.11 7.34 -6.13
CA CYS A 376 -15.09 6.57 -4.91
C CYS A 376 -13.73 6.73 -4.22
N PRO A 377 -13.64 7.54 -3.17
CA PRO A 377 -12.36 7.68 -2.46
C PRO A 377 -11.92 6.35 -1.86
N ALA A 378 -10.67 5.97 -2.12
CA ALA A 378 -10.15 4.71 -1.60
C ALA A 378 -8.69 4.88 -1.19
N ASP A 379 -8.32 4.23 -0.09
CA ASP A 379 -6.98 4.31 0.49
C ASP A 379 -6.32 2.96 0.22
N TRP A 380 -5.58 2.88 -0.89
CA TRP A 380 -4.94 1.65 -1.34
C TRP A 380 -4.14 0.98 -0.20
N VAL A 381 -3.35 1.76 0.53
CA VAL A 381 -2.56 1.28 1.67
C VAL A 381 -3.42 0.49 2.66
N TRP A 382 -4.69 0.85 2.79
CA TRP A 382 -5.57 0.14 3.70
C TRP A 382 -6.50 -0.84 3.03
N ILE A 383 -6.90 -0.56 1.78
CA ILE A 383 -7.80 -1.45 1.06
C ILE A 383 -7.13 -2.78 0.77
N VAL A 384 -5.85 -2.76 0.40
CA VAL A 384 -5.19 -4.03 0.05
C VAL A 384 -4.99 -4.86 1.31
N PRO A 385 -5.35 -6.15 1.29
CA PRO A 385 -5.25 -7.00 2.50
C PRO A 385 -3.82 -7.18 2.95
N PRO A 386 -3.60 -7.54 4.21
CA PRO A 386 -2.24 -7.70 4.72
C PRO A 386 -1.56 -9.00 4.34
N MET A 387 -2.25 -9.91 3.63
CA MET A 387 -1.61 -11.07 3.04
C MET A 387 -2.07 -11.23 1.60
N SER A 388 -1.22 -11.87 0.78
CA SER A 388 -1.54 -12.25 -0.59
C SER A 388 -2.02 -11.07 -1.43
N GLY A 389 -1.47 -9.89 -1.15
CA GLY A 389 -1.96 -8.66 -1.76
C GLY A 389 -2.24 -8.78 -3.25
N SER A 390 -1.23 -9.17 -4.03
CA SER A 390 -1.31 -9.09 -5.48
C SER A 390 -2.23 -10.14 -6.11
N ILE A 391 -2.63 -11.18 -5.38
CA ILE A 391 -3.59 -12.12 -5.96
C ILE A 391 -5.00 -11.77 -5.50
N THR A 392 -5.23 -10.49 -5.22
CA THR A 392 -6.51 -9.85 -5.04
C THR A 392 -6.59 -8.69 -6.02
N PRO A 393 -7.79 -8.36 -6.54
CA PRO A 393 -7.84 -7.39 -7.65
C PRO A 393 -7.67 -5.94 -7.24
N VAL A 394 -7.71 -5.60 -5.94
CA VAL A 394 -7.44 -4.22 -5.56
C VAL A 394 -5.96 -3.88 -5.72
N PHE A 395 -5.07 -4.87 -5.70
CA PHE A 395 -3.65 -4.60 -5.83
C PHE A 395 -3.33 -3.83 -7.10
N HIS A 396 -3.89 -4.26 -8.24
CA HIS A 396 -3.59 -3.60 -9.49
C HIS A 396 -4.54 -2.47 -9.82
N GLN A 397 -5.41 -2.11 -8.88
CA GLN A 397 -6.41 -1.07 -9.10
C GLN A 397 -5.87 0.27 -8.62
N GLU A 398 -5.77 1.23 -9.53
CA GLU A 398 -5.44 2.58 -9.08
C GLU A 398 -6.60 3.19 -8.30
N MET A 399 -6.27 4.02 -7.33
CA MET A 399 -7.26 4.66 -6.48
C MET A 399 -6.84 6.10 -6.25
N LEU A 400 -7.84 6.96 -6.13
CA LEU A 400 -7.66 8.33 -5.65
C LEU A 400 -8.18 8.42 -4.22
N ASN A 401 -7.39 9.03 -3.34
CA ASN A 401 -7.82 9.22 -1.97
C ASN A 401 -8.13 10.69 -1.70
N TYR A 402 -9.25 10.95 -1.05
CA TYR A 402 -9.65 12.31 -0.68
C TYR A 402 -10.79 12.22 0.34
N ARG A 403 -10.93 13.27 1.16
CA ARG A 403 -11.83 13.22 2.32
C ARG A 403 -13.12 14.00 2.03
N LEU A 404 -14.23 13.28 1.94
CA LEU A 404 -15.55 13.89 1.88
C LEU A 404 -16.21 13.90 3.25
N THR A 405 -17.20 14.77 3.40
CA THR A 405 -18.02 14.82 4.60
CA THR A 405 -18.02 14.81 4.60
C THR A 405 -19.47 14.50 4.23
N PRO A 406 -20.22 13.83 5.13
CA PRO A 406 -19.93 13.32 6.47
C PRO A 406 -18.78 12.32 6.52
N SER A 407 -18.07 12.22 7.64
CA SER A 407 -16.97 11.28 7.71
C SER A 407 -16.75 10.85 9.15
N PHE A 408 -16.09 9.70 9.28
CA PHE A 408 -15.53 9.23 10.55
C PHE A 408 -14.10 9.71 10.67
N GLU A 409 -13.80 10.39 11.77
CA GLU A 409 -12.51 11.00 12.07
C GLU A 409 -11.89 10.35 13.30
N TYR A 410 -10.56 10.46 13.41
CA TYR A 410 -9.90 10.08 14.65
C TYR A 410 -10.09 11.17 15.69
N GLN A 411 -9.97 10.79 16.96
CA GLN A 411 -10.00 11.72 18.08
C GLN A 411 -9.04 11.24 19.15
N PRO A 412 -8.48 12.15 19.95
CA PRO A 412 -7.52 11.71 20.98
C PRO A 412 -8.17 10.74 21.93
N ASP A 413 -7.35 9.87 22.50
CA ASP A 413 -7.83 8.97 23.54
C ASP A 413 -8.32 9.76 24.74
N PRO A 414 -9.44 9.38 25.35
CA PRO A 414 -10.07 10.27 26.33
C PRO A 414 -9.29 10.38 27.62
N TRP A 415 -8.58 9.35 28.06
CA TRP A 415 -7.77 9.49 29.26
C TRP A 415 -6.70 10.56 29.11
N ASN A 416 -6.34 10.92 27.88
CA ASN A 416 -5.36 11.98 27.72
C ASN A 416 -5.96 13.36 27.89
N THR A 417 -7.28 13.49 27.77
CA THR A 417 -7.94 14.79 27.72
C THR A 417 -8.97 15.03 28.81
N HIS A 418 -9.44 13.99 29.50
CA HIS A 418 -10.53 14.13 30.46
C HIS A 418 -10.11 14.96 31.66
N VAL A 419 -10.99 15.87 32.06
CA VAL A 419 -10.83 16.61 33.31
C VAL A 419 -11.56 15.82 34.39
N TRP A 420 -10.78 15.23 35.31
CA TRP A 420 -11.36 14.37 36.32
C TRP A 420 -12.10 15.21 37.35
N LYS A 421 -13.35 14.84 37.62
CA LYS A 421 -14.18 15.56 38.58
C LYS A 421 -13.71 15.33 40.01
N ARG B 3 8.99 22.53 7.65
CA ARG B 3 8.81 21.86 8.94
C ARG B 3 9.49 20.49 8.96
N PHE B 4 10.03 20.09 10.11
CA PHE B 4 10.47 18.71 10.30
C PHE B 4 9.26 17.78 10.23
N LEU B 5 9.50 16.53 9.85
CA LEU B 5 8.43 15.55 9.77
C LEU B 5 8.87 14.24 10.40
N LYS B 6 7.96 13.62 11.14
CA LYS B 6 8.25 12.38 11.84
C LYS B 6 7.56 11.21 11.16
N VAL B 7 8.23 10.05 11.21
CA VAL B 7 7.64 8.80 10.75
C VAL B 7 7.84 7.78 11.86
N LYS B 8 6.77 7.08 12.21
CA LYS B 8 6.78 6.16 13.32
C LYS B 8 6.63 4.73 12.81
N ASN B 9 7.33 3.80 13.46
CA ASN B 9 7.13 2.38 13.23
C ASN B 9 6.23 1.84 14.33
N TRP B 10 5.05 1.36 13.96
CA TRP B 10 4.04 0.99 14.95
C TRP B 10 4.31 -0.34 15.62
N GLU B 11 5.33 -1.06 15.20
CA GLU B 11 5.71 -2.31 15.83
C GLU B 11 6.84 -2.13 16.84
N THR B 12 7.79 -1.23 16.56
CA THR B 12 8.88 -0.93 17.47
C THR B 12 8.68 0.40 18.19
N GLU B 13 7.76 1.23 17.74
CA GLU B 13 7.56 2.60 18.23
C GLU B 13 8.79 3.47 18.04
N VAL B 14 9.73 3.05 17.19
CA VAL B 14 10.84 3.92 16.80
C VAL B 14 10.29 5.07 15.96
N VAL B 15 10.76 6.28 16.25
CA VAL B 15 10.37 7.49 15.54
C VAL B 15 11.60 8.08 14.88
N LEU B 16 11.50 8.35 13.58
CA LEU B 16 12.54 9.02 12.82
C LEU B 16 12.03 10.40 12.41
N THR B 17 12.97 11.33 12.21
CA THR B 17 12.67 12.71 11.85
C THR B 17 13.26 13.01 10.48
N ASP B 18 12.42 13.50 9.56
CA ASP B 18 12.83 13.75 8.19
C ASP B 18 13.04 15.24 7.99
N THR B 19 14.28 15.61 7.66
CA THR B 19 14.62 16.94 7.17
C THR B 19 14.93 16.97 5.68
N LEU B 20 15.24 15.80 5.11
CA LEU B 20 15.71 15.71 3.73
C LEU B 20 14.65 16.17 2.73
N HIS B 21 13.36 15.96 3.03
CA HIS B 21 12.30 16.33 2.10
C HIS B 21 12.36 17.80 1.70
N LEU B 22 12.86 18.67 2.60
CA LEU B 22 12.99 20.09 2.29
C LEU B 22 13.90 20.37 1.10
N LYS B 23 14.67 19.40 0.64
CA LYS B 23 15.61 19.61 -0.47
C LYS B 23 15.02 19.20 -1.82
N SER B 24 13.78 18.73 -1.86
CA SER B 24 13.14 18.35 -3.11
C SER B 24 12.34 19.51 -3.69
N THR B 25 12.10 19.45 -5.01
CA THR B 25 11.31 20.47 -5.69
C THR B 25 10.52 19.90 -6.85
N LEU B 26 10.82 18.66 -7.24
CA LEU B 26 9.96 17.94 -8.17
C LEU B 26 8.63 17.61 -7.49
N GLU B 27 7.58 17.52 -8.30
CA GLU B 27 6.24 17.28 -7.78
C GLU B 27 5.97 15.78 -7.61
N THR B 28 5.05 15.46 -6.70
CA THR B 28 4.60 14.09 -6.49
C THR B 28 3.27 13.78 -7.17
N GLY B 29 2.46 14.79 -7.46
CA GLY B 29 1.15 14.56 -8.03
C GLY B 29 0.01 14.69 -7.05
N CYS B 30 0.30 14.60 -5.75
CA CYS B 30 -0.72 14.85 -4.74
C CYS B 30 -0.93 16.34 -4.57
N THR B 31 -2.09 16.70 -4.03
CA THR B 31 -2.32 18.03 -3.51
C THR B 31 -2.78 17.92 -2.06
N GLU B 32 -3.10 19.08 -1.48
CA GLU B 32 -3.61 19.07 -0.11
C GLU B 32 -4.97 18.37 -0.01
N TYR B 33 -5.64 18.19 -1.14
CA TYR B 33 -7.01 17.65 -1.14
C TYR B 33 -7.15 16.29 -1.81
N ILE B 34 -6.20 15.88 -2.64
CA ILE B 34 -6.28 14.60 -3.33
C ILE B 34 -4.89 13.96 -3.28
N CYS B 35 -4.83 12.72 -2.80
CA CYS B 35 -3.57 11.98 -2.75
C CYS B 35 -3.54 10.98 -3.89
N MET B 36 -2.41 10.92 -4.59
CA MET B 36 -2.26 10.06 -5.75
C MET B 36 -1.21 8.98 -5.54
N GLY B 37 -1.03 8.56 -4.27
CA GLY B 37 0.03 7.63 -3.91
C GLY B 37 -0.05 6.26 -4.56
N SER B 38 -1.19 5.91 -5.16
CA SER B 38 -1.36 4.60 -5.79
C SER B 38 -1.53 4.72 -7.30
N ILE B 39 -1.40 5.92 -7.86
CA ILE B 39 -1.32 6.12 -9.31
C ILE B 39 0.09 5.77 -9.78
N MET B 40 0.19 4.93 -10.83
CA MET B 40 1.51 4.44 -11.20
C MET B 40 2.36 5.50 -11.90
N HIS B 41 1.76 6.31 -12.79
CA HIS B 41 2.46 7.40 -13.47
C HIS B 41 1.67 8.69 -13.31
N PRO B 42 1.69 9.29 -12.12
CA PRO B 42 0.88 10.50 -11.91
C PRO B 42 1.44 11.70 -12.65
N SER B 43 0.55 12.63 -12.98
CA SER B 43 0.91 13.82 -13.75
C SER B 43 -0.25 14.81 -13.79
N ASP B 51 9.87 16.14 -24.81
CA ASP B 51 10.83 16.29 -23.72
C ASP B 51 12.18 16.77 -24.22
N VAL B 52 12.33 18.08 -24.38
CA VAL B 52 13.58 18.70 -24.78
C VAL B 52 13.80 19.94 -23.93
N ALA B 53 14.98 20.05 -23.33
CA ALA B 53 15.28 21.14 -22.41
C ALA B 53 15.64 22.40 -23.20
N THR B 54 16.12 23.42 -22.48
CA THR B 54 16.70 24.61 -23.09
C THR B 54 17.86 25.07 -22.22
N LYS B 55 18.75 25.87 -22.81
CA LYS B 55 19.81 26.52 -22.04
C LYS B 55 19.23 27.23 -20.81
N ASP B 56 18.02 27.78 -20.95
CA ASP B 56 17.41 28.59 -19.89
C ASP B 56 17.06 27.74 -18.68
N GLN B 57 16.43 26.59 -18.91
CA GLN B 57 16.13 25.66 -17.84
C GLN B 57 17.36 24.90 -17.37
N LEU B 58 18.39 24.77 -18.23
CA LEU B 58 19.44 23.80 -17.99
C LEU B 58 20.49 24.28 -16.99
N PHE B 59 20.83 25.57 -17.00
CA PHE B 59 21.90 26.02 -16.10
C PHE B 59 21.56 25.82 -14.62
N PRO B 60 20.39 26.26 -14.11
CA PRO B 60 20.12 26.03 -12.67
C PRO B 60 20.09 24.56 -12.28
N LEU B 61 19.48 23.70 -13.10
CA LEU B 61 19.53 22.26 -12.86
C LEU B 61 20.96 21.77 -12.75
N ALA B 62 21.83 22.21 -13.68
CA ALA B 62 23.24 21.86 -13.61
C ALA B 62 23.90 22.49 -12.39
N LYS B 63 23.49 23.71 -12.03
CA LYS B 63 24.08 24.37 -10.88
C LYS B 63 23.79 23.60 -9.59
N GLU B 64 22.56 23.13 -9.42
CA GLU B 64 22.24 22.40 -8.20
C GLU B 64 23.03 21.10 -8.12
N PHE B 65 23.13 20.36 -9.22
CA PHE B 65 23.78 19.07 -9.19
C PHE B 65 25.26 19.22 -8.83
N ILE B 66 25.94 20.17 -9.48
CA ILE B 66 27.36 20.41 -9.17
C ILE B 66 27.51 20.77 -7.71
N ASP B 67 26.62 21.63 -7.20
CA ASP B 67 26.67 22.02 -5.80
C ASP B 67 26.59 20.80 -4.89
N GLN B 68 25.66 19.89 -5.16
CA GLN B 68 25.52 18.76 -4.27
C GLN B 68 26.65 17.76 -4.47
N TYR B 69 27.23 17.67 -5.67
CA TYR B 69 28.39 16.82 -5.84
C TYR B 69 29.58 17.32 -5.01
N TYR B 70 29.91 18.61 -5.14
CA TYR B 70 31.03 19.14 -4.37
C TYR B 70 30.70 19.28 -2.90
N SER B 71 29.41 19.32 -2.54
CA SER B 71 29.04 19.23 -1.14
C SER B 71 29.20 17.80 -0.62
N SER B 72 28.90 16.81 -1.45
CA SER B 72 29.04 15.43 -1.02
C SER B 72 30.51 15.07 -0.75
N ILE B 73 31.43 15.62 -1.53
CA ILE B 73 32.84 15.32 -1.36
C ILE B 73 33.54 16.35 -0.47
N LYS B 74 32.77 17.13 0.31
CA LYS B 74 33.30 18.01 1.36
C LYS B 74 34.23 19.09 0.81
N ARG B 75 33.91 19.61 -0.37
CA ARG B 75 34.72 20.64 -1.00
C ARG B 75 33.83 21.72 -1.60
N PHE B 76 32.75 22.02 -0.91
CA PHE B 76 31.85 23.10 -1.33
C PHE B 76 32.61 24.42 -1.33
N GLY B 77 32.34 25.23 -2.35
CA GLY B 77 33.00 26.53 -2.47
C GLY B 77 34.51 26.47 -2.50
N SER B 78 35.07 25.41 -3.08
CA SER B 78 36.50 25.33 -3.30
C SER B 78 36.82 25.85 -4.71
N LYS B 79 38.11 25.87 -5.05
CA LYS B 79 38.50 26.32 -6.38
C LYS B 79 38.00 25.36 -7.45
N ALA B 80 38.09 24.05 -7.19
CA ALA B 80 37.58 23.07 -8.15
C ALA B 80 36.07 23.23 -8.31
N HIS B 81 35.37 23.60 -7.25
CA HIS B 81 33.92 23.79 -7.32
C HIS B 81 33.58 25.07 -8.10
N MET B 82 34.28 26.17 -7.80
CA MET B 82 34.01 27.42 -8.48
C MET B 82 34.36 27.33 -9.96
N GLU B 83 35.38 26.54 -10.30
CA GLU B 83 35.78 26.41 -11.70
C GLU B 83 34.90 25.43 -12.47
N ARG B 84 34.40 24.39 -11.82
CA ARG B 84 33.43 23.53 -12.48
C ARG B 84 32.13 24.29 -12.74
N LEU B 85 31.79 25.23 -11.86
CA LEU B 85 30.62 26.08 -12.11
C LEU B 85 30.81 26.89 -13.39
N GLU B 86 31.94 27.60 -13.48
CA GLU B 86 32.21 28.43 -14.65
C GLU B 86 32.38 27.57 -15.90
N GLU B 87 33.02 26.40 -15.76
CA GLU B 87 33.22 25.51 -16.90
C GLU B 87 31.89 25.04 -17.48
N VAL B 88 30.93 24.69 -16.62
CA VAL B 88 29.61 24.25 -17.09
C VAL B 88 28.85 25.40 -17.72
N ASN B 89 28.99 26.61 -17.16
CA ASN B 89 28.33 27.79 -17.70
C ASN B 89 28.71 28.01 -19.17
N LYS B 90 30.02 28.11 -19.44
CA LYS B 90 30.50 28.35 -20.81
C LYS B 90 30.01 27.29 -21.78
N GLU B 91 29.77 26.07 -21.31
CA GLU B 91 29.46 24.98 -22.20
C GLU B 91 27.98 24.91 -22.56
N ILE B 92 27.09 25.18 -21.61
CA ILE B 92 25.68 25.32 -21.96
C ILE B 92 25.50 26.53 -22.87
N ASP B 93 26.26 27.58 -22.60
CA ASP B 93 26.31 28.75 -23.49
C ASP B 93 26.57 28.35 -24.93
N THR B 94 27.69 27.69 -25.19
CA THR B 94 28.17 27.47 -26.54
C THR B 94 27.57 26.22 -27.21
N THR B 95 27.07 25.25 -26.46
CA THR B 95 26.61 24.00 -27.05
C THR B 95 25.19 23.59 -26.70
N SER B 96 24.45 24.40 -25.91
CA SER B 96 23.08 24.16 -25.48
C SER B 96 22.95 22.96 -24.55
N THR B 97 24.06 22.32 -24.18
CA THR B 97 24.05 21.25 -23.21
C THR B 97 25.40 21.25 -22.51
N TYR B 98 25.71 20.19 -21.79
CA TYR B 98 27.03 20.04 -21.21
C TYR B 98 27.28 18.56 -20.93
N GLN B 99 28.55 18.24 -20.70
CA GLN B 99 28.99 16.86 -20.50
C GLN B 99 29.50 16.67 -19.08
N LEU B 100 29.10 15.55 -18.46
CA LEU B 100 29.48 15.27 -17.10
C LEU B 100 30.85 14.63 -17.04
N LYS B 101 31.68 15.08 -16.09
CA LYS B 101 32.86 14.32 -15.69
C LYS B 101 32.47 12.90 -15.29
N ASP B 102 33.43 11.98 -15.42
CA ASP B 102 33.22 10.61 -14.96
C ASP B 102 32.84 10.56 -13.48
N THR B 103 33.56 11.30 -12.64
CA THR B 103 33.21 11.35 -11.22
C THR B 103 31.73 11.69 -11.03
N GLU B 104 31.26 12.72 -11.74
CA GLU B 104 29.88 13.15 -11.62
C GLU B 104 28.92 12.15 -12.23
N LEU B 105 29.34 11.42 -13.27
CA LEU B 105 28.45 10.41 -13.84
C LEU B 105 28.21 9.27 -12.87
N ILE B 106 29.26 8.86 -12.14
CA ILE B 106 29.15 7.79 -11.18
C ILE B 106 28.33 8.24 -9.97
N TYR B 107 28.61 9.45 -9.46
CA TYR B 107 27.90 9.95 -8.30
C TYR B 107 26.40 10.06 -8.58
N GLY B 108 26.04 10.65 -9.72
CA GLY B 108 24.63 10.80 -10.07
C GLY B 108 23.94 9.48 -10.30
N ALA B 109 24.65 8.49 -10.85
CA ALA B 109 24.04 7.19 -11.09
C ALA B 109 23.76 6.47 -9.78
N LYS B 110 24.73 6.49 -8.86
CA LYS B 110 24.51 5.90 -7.55
C LYS B 110 23.40 6.65 -6.79
N HIS B 111 23.31 7.96 -6.99
CA HIS B 111 22.32 8.71 -6.22
C HIS B 111 20.93 8.60 -6.82
N ALA B 112 20.81 8.32 -8.12
CA ALA B 112 19.49 8.03 -8.70
C ALA B 112 18.93 6.74 -8.15
N TRP B 113 19.78 5.73 -7.92
CA TRP B 113 19.35 4.52 -7.23
C TRP B 113 19.00 4.83 -5.77
N ARG B 114 19.84 5.63 -5.11
CA ARG B 114 19.61 5.99 -3.70
C ARG B 114 18.30 6.72 -3.53
N ASN B 115 17.88 7.47 -4.54
CA ASN B 115 16.67 8.27 -4.51
C ASN B 115 15.45 7.51 -5.03
N ALA B 116 15.61 6.29 -5.52
CA ALA B 116 14.47 5.54 -6.07
C ALA B 116 13.51 5.12 -4.94
N SER B 117 12.48 5.94 -4.72
CA SER B 117 11.57 5.71 -3.61
CA SER B 117 11.55 5.72 -3.62
C SER B 117 10.93 4.33 -3.64
N ARG B 118 10.72 3.77 -4.85
CA ARG B 118 10.03 2.50 -5.00
C ARG B 118 10.91 1.26 -4.82
N CYS B 119 12.23 1.44 -4.62
CA CYS B 119 13.17 0.32 -4.63
C CYS B 119 13.49 -0.12 -3.20
N VAL B 120 13.15 -1.37 -2.88
CA VAL B 120 13.44 -1.93 -1.56
C VAL B 120 14.88 -2.39 -1.42
N GLY B 121 15.66 -2.43 -2.51
CA GLY B 121 17.00 -2.96 -2.44
C GLY B 121 18.08 -1.95 -2.17
N ARG B 122 17.74 -0.70 -1.86
CA ARG B 122 18.69 0.40 -1.84
C ARG B 122 19.76 0.32 -0.74
N ILE B 123 19.73 -0.68 0.16
CA ILE B 123 20.85 -0.78 1.09
C ILE B 123 22.15 -1.01 0.31
N GLN B 124 22.06 -1.52 -0.90
CA GLN B 124 23.22 -1.73 -1.75
C GLN B 124 23.64 -0.50 -2.57
N TRP B 125 22.97 0.65 -2.40
CA TRP B 125 23.02 1.70 -3.42
C TRP B 125 24.44 2.14 -3.78
N SER B 126 25.38 2.15 -2.82
CA SER B 126 26.69 2.68 -3.17
C SER B 126 27.61 1.63 -3.80
N LYS B 127 27.18 0.36 -3.83
CA LYS B 127 27.85 -0.73 -4.54
C LYS B 127 27.21 -0.89 -5.92
N LEU B 128 27.67 -0.10 -6.87
CA LEU B 128 27.09 -0.09 -8.22
C LEU B 128 28.19 0.14 -9.24
N GLN B 129 28.37 -0.81 -10.14
CA GLN B 129 29.38 -0.74 -11.20
C GLN B 129 28.81 0.08 -12.35
N VAL B 130 29.42 1.23 -12.63
CA VAL B 130 28.88 2.17 -13.62
C VAL B 130 29.68 2.06 -14.92
N PHE B 131 29.00 1.70 -16.01
CA PHE B 131 29.64 1.53 -17.31
C PHE B 131 29.33 2.75 -18.18
N ASP B 132 30.36 3.56 -18.45
CA ASP B 132 30.23 4.76 -19.28
C ASP B 132 30.23 4.37 -20.75
N ALA B 133 29.06 4.47 -21.40
CA ALA B 133 28.91 4.14 -22.81
C ALA B 133 28.54 5.37 -23.62
N ARG B 134 29.00 6.54 -23.20
CA ARG B 134 28.61 7.78 -23.86
C ARG B 134 29.34 8.00 -25.17
N ASP B 135 30.29 7.14 -25.51
CA ASP B 135 30.93 7.19 -26.82
C ASP B 135 30.25 6.31 -27.85
N CYS B 136 29.19 5.57 -27.47
CA CYS B 136 28.50 4.71 -28.42
C CYS B 136 27.85 5.55 -29.53
N THR B 137 27.83 5.00 -30.76
CA THR B 137 27.17 5.67 -31.88
C THR B 137 26.25 4.79 -32.71
N THR B 138 26.26 3.47 -32.55
CA THR B 138 25.47 2.57 -33.37
C THR B 138 24.77 1.53 -32.48
N ALA B 139 23.84 0.79 -33.10
CA ALA B 139 23.17 -0.29 -32.38
C ALA B 139 24.09 -1.49 -32.20
N HIS B 140 25.06 -1.68 -33.11
CA HIS B 140 26.08 -2.70 -32.90
C HIS B 140 26.93 -2.38 -31.68
N GLY B 141 27.26 -1.10 -31.49
CA GLY B 141 27.96 -0.71 -30.27
C GLY B 141 27.12 -0.91 -29.02
N MET B 142 25.82 -0.64 -29.13
CA MET B 142 24.95 -0.85 -27.98
C MET B 142 24.93 -2.31 -27.58
N PHE B 143 24.88 -3.19 -28.58
CA PHE B 143 24.82 -4.62 -28.29
C PHE B 143 26.14 -5.13 -27.72
N ASN B 144 27.25 -4.49 -28.07
CA ASN B 144 28.51 -4.88 -27.46
C ASN B 144 28.55 -4.44 -25.99
N TYR B 145 28.17 -3.19 -25.73
CA TYR B 145 28.10 -2.70 -24.37
C TYR B 145 27.12 -3.50 -23.51
N ILE B 146 26.05 -4.01 -24.10
CA ILE B 146 25.03 -4.70 -23.30
C ILE B 146 25.45 -6.12 -22.99
N CYS B 147 26.05 -6.83 -23.95
CA CYS B 147 26.62 -8.14 -23.67
C CYS B 147 27.65 -8.06 -22.56
N ASN B 148 28.47 -7.01 -22.56
CA ASN B 148 29.47 -6.84 -21.51
C ASN B 148 28.81 -6.61 -20.16
N HIS B 149 27.82 -5.73 -20.11
CA HIS B 149 26.98 -5.55 -18.93
C HIS B 149 26.45 -6.90 -18.44
N VAL B 150 25.72 -7.60 -19.30
CA VAL B 150 25.09 -8.85 -18.90
C VAL B 150 26.11 -9.80 -18.30
N LYS B 151 27.28 -9.89 -18.94
CA LYS B 151 28.28 -10.86 -18.52
C LYS B 151 28.97 -10.44 -17.23
N TYR B 152 29.25 -9.15 -17.06
CA TYR B 152 29.80 -8.70 -15.79
C TYR B 152 28.81 -8.93 -14.66
N ALA B 153 27.56 -8.46 -14.86
CA ALA B 153 26.56 -8.52 -13.80
C ALA B 153 26.20 -9.96 -13.44
N THR B 154 26.23 -10.86 -14.41
CA THR B 154 25.82 -12.24 -14.11
C THR B 154 26.86 -12.93 -13.24
N ASN B 155 28.13 -12.84 -13.61
CA ASN B 155 29.24 -13.28 -12.76
C ASN B 155 29.05 -14.73 -12.29
N LYS B 156 28.51 -15.56 -13.18
CA LYS B 156 28.42 -17.01 -12.95
C LYS B 156 27.52 -17.35 -11.76
N GLY B 157 26.54 -16.51 -11.45
CA GLY B 157 25.58 -16.75 -10.39
C GLY B 157 25.74 -15.82 -9.19
N ASN B 158 26.91 -15.22 -9.05
CA ASN B 158 27.22 -14.32 -7.95
C ASN B 158 26.96 -12.89 -8.41
N LEU B 159 25.67 -12.57 -8.56
CA LEU B 159 25.27 -11.38 -9.30
C LEU B 159 25.82 -10.11 -8.65
N ARG B 160 26.05 -9.11 -9.51
CA ARG B 160 26.66 -7.83 -9.14
C ARG B 160 25.86 -6.72 -9.79
N SER B 161 25.64 -5.64 -9.07
CA SER B 161 24.81 -4.56 -9.59
C SER B 161 25.57 -3.75 -10.63
N ALA B 162 24.86 -3.29 -11.67
CA ALA B 162 25.51 -2.58 -12.75
C ALA B 162 24.51 -1.73 -13.51
N ILE B 163 25.02 -0.66 -14.11
CA ILE B 163 24.29 0.18 -15.04
C ILE B 163 25.22 0.58 -16.18
N THR B 164 24.65 0.66 -17.39
CA THR B 164 25.36 1.09 -18.59
C THR B 164 24.66 2.34 -19.12
N ILE B 165 25.40 3.44 -19.27
CA ILE B 165 24.80 4.73 -19.61
C ILE B 165 25.25 5.13 -21.02
N PHE B 166 24.30 5.13 -21.94
CA PHE B 166 24.48 5.50 -23.33
C PHE B 166 24.38 7.01 -23.48
N PRO B 167 24.71 7.58 -24.66
CA PRO B 167 24.74 9.04 -24.79
C PRO B 167 23.43 9.71 -24.40
N GLN B 168 23.55 10.95 -23.95
CA GLN B 168 22.38 11.66 -23.47
C GLN B 168 21.56 12.18 -24.64
N ARG B 169 20.29 12.47 -24.36
CA ARG B 169 19.44 13.10 -25.34
C ARG B 169 20.05 14.42 -25.76
N THR B 170 19.87 14.78 -27.04
CA THR B 170 20.33 16.08 -27.52
C THR B 170 19.15 16.94 -27.91
N ASP B 171 18.55 16.65 -29.07
CA ASP B 171 17.42 17.41 -29.59
C ASP B 171 16.14 16.60 -29.67
N GLY B 172 16.11 15.39 -29.10
CA GLY B 172 14.93 14.55 -29.15
C GLY B 172 14.81 13.70 -30.40
N LYS B 173 15.41 14.12 -31.51
CA LYS B 173 15.35 13.33 -32.73
C LYS B 173 16.46 12.29 -32.81
N HIS B 174 17.37 12.26 -31.85
CA HIS B 174 18.49 11.32 -31.90
C HIS B 174 18.62 10.55 -30.59
N ASP B 175 17.50 10.11 -30.02
CA ASP B 175 17.56 9.37 -28.78
C ASP B 175 18.19 8.00 -28.99
N PHE B 176 18.97 7.58 -28.02
CA PHE B 176 19.33 6.18 -27.88
C PHE B 176 18.24 5.53 -27.03
N ARG B 177 17.77 4.36 -27.46
CA ARG B 177 16.70 3.66 -26.74
C ARG B 177 16.93 2.15 -26.78
N VAL B 178 16.75 1.50 -25.64
CA VAL B 178 16.61 0.05 -25.60
C VAL B 178 15.11 -0.26 -25.60
N TRP B 179 14.61 -0.85 -26.69
CA TRP B 179 13.17 -1.03 -26.82
C TRP B 179 12.64 -2.11 -25.89
N ASN B 180 13.45 -3.14 -25.61
CA ASN B 180 13.08 -4.10 -24.59
C ASN B 180 12.87 -3.40 -23.26
N SER B 181 11.88 -3.86 -22.50
CA SER B 181 11.66 -3.33 -21.18
C SER B 181 12.66 -3.91 -20.18
N GLN B 182 13.11 -5.15 -20.40
CA GLN B 182 14.25 -5.71 -19.69
C GLN B 182 15.18 -6.38 -20.69
N LEU B 183 16.47 -6.45 -20.35
CA LEU B 183 17.43 -7.03 -21.28
C LEU B 183 17.11 -8.49 -21.56
N ILE B 184 16.66 -9.24 -20.56
CA ILE B 184 16.33 -10.65 -20.72
C ILE B 184 14.88 -10.86 -20.31
N ARG B 185 14.06 -11.34 -21.24
CA ARG B 185 12.67 -11.73 -20.98
C ARG B 185 12.26 -12.81 -21.96
N TYR B 186 11.16 -13.49 -21.65
CA TYR B 186 10.64 -14.56 -22.49
C TYR B 186 9.52 -14.06 -23.38
N ALA B 187 9.46 -14.59 -24.60
CA ALA B 187 8.46 -14.20 -25.56
C ALA B 187 7.07 -14.64 -25.12
N GLY B 188 6.07 -13.89 -25.57
CA GLY B 188 4.69 -14.26 -25.35
C GLY B 188 3.94 -14.37 -26.66
N TYR B 189 3.35 -15.53 -26.91
CA TYR B 189 2.73 -15.84 -28.20
C TYR B 189 1.23 -15.93 -28.03
N LYS B 190 0.52 -15.03 -28.70
CA LYS B 190 -0.94 -14.96 -28.64
C LYS B 190 -1.52 -16.00 -29.57
N GLN B 191 -2.15 -17.02 -29.00
CA GLN B 191 -2.59 -18.19 -29.74
C GLN B 191 -3.84 -17.91 -30.58
N PRO B 192 -4.06 -18.69 -31.63
CA PRO B 192 -5.39 -18.67 -32.28
C PRO B 192 -6.50 -19.11 -31.34
N ASP B 193 -6.25 -20.13 -30.51
CA ASP B 193 -7.29 -20.68 -29.66
C ASP B 193 -7.48 -19.79 -28.41
N GLY B 194 -7.03 -18.54 -28.51
CA GLY B 194 -7.35 -17.53 -27.50
C GLY B 194 -6.25 -17.31 -26.49
N SER B 195 -5.76 -18.39 -25.86
CA SER B 195 -4.83 -18.27 -24.74
C SER B 195 -3.45 -17.79 -25.19
N THR B 196 -2.47 -17.93 -24.30
CA THR B 196 -1.15 -17.33 -24.48
C THR B 196 -0.07 -18.35 -24.19
N LEU B 197 0.85 -18.51 -25.14
CA LEU B 197 2.06 -19.33 -24.96
C LEU B 197 3.23 -18.42 -24.63
N GLY B 198 4.07 -18.87 -23.70
CA GLY B 198 5.21 -18.08 -23.26
C GLY B 198 4.82 -17.16 -22.12
N ASP B 199 5.12 -15.86 -22.28
CA ASP B 199 4.92 -14.87 -21.23
C ASP B 199 3.94 -13.79 -21.67
N PRO B 200 2.77 -13.68 -21.03
CA PRO B 200 1.76 -12.71 -21.49
C PRO B 200 2.15 -11.25 -21.30
N ALA B 201 3.16 -10.97 -20.47
CA ALA B 201 3.55 -9.58 -20.26
C ALA B 201 4.15 -8.95 -21.51
N ASN B 202 4.72 -9.76 -22.39
CA ASN B 202 5.51 -9.27 -23.51
C ASN B 202 4.86 -9.59 -24.85
N VAL B 203 3.58 -9.95 -24.85
CA VAL B 203 2.90 -10.35 -26.09
C VAL B 203 3.06 -9.27 -27.15
N GLN B 204 2.92 -8.00 -26.76
CA GLN B 204 3.05 -6.93 -27.75
C GLN B 204 4.47 -6.86 -28.27
N PHE B 205 5.46 -6.71 -27.37
CA PHE B 205 6.84 -6.60 -27.81
C PHE B 205 7.25 -7.81 -28.65
N THR B 206 6.83 -9.02 -28.25
CA THR B 206 7.13 -10.22 -29.01
C THR B 206 6.67 -10.08 -30.46
N GLU B 207 5.46 -9.58 -30.67
CA GLU B 207 4.97 -9.40 -32.03
C GLU B 207 5.71 -8.29 -32.76
N ILE B 208 6.13 -7.23 -32.06
CA ILE B 208 6.96 -6.22 -32.69
C ILE B 208 8.29 -6.81 -33.16
N CYS B 209 8.85 -7.76 -32.40
CA CYS B 209 10.09 -8.40 -32.85
C CYS B 209 9.85 -9.27 -34.07
N ILE B 210 8.70 -9.97 -34.11
CA ILE B 210 8.33 -10.73 -35.28
C ILE B 210 8.14 -9.80 -36.49
N GLN B 211 7.49 -8.67 -36.26
CA GLN B 211 7.25 -7.69 -37.32
C GLN B 211 8.55 -7.09 -37.86
N GLN B 212 9.64 -7.17 -37.10
CA GLN B 212 10.93 -6.68 -37.55
C GLN B 212 11.82 -7.76 -38.14
N GLY B 213 11.35 -9.01 -38.18
CA GLY B 213 12.08 -10.09 -38.81
C GLY B 213 12.45 -11.24 -37.91
N TRP B 214 12.16 -11.18 -36.61
CA TRP B 214 12.60 -12.23 -35.69
C TRP B 214 11.87 -13.53 -35.97
N LYS B 215 12.62 -14.63 -35.94
CA LYS B 215 12.09 -15.96 -36.18
C LYS B 215 11.76 -16.63 -34.86
N PRO B 216 10.49 -16.65 -34.44
CA PRO B 216 10.15 -17.14 -33.11
C PRO B 216 10.27 -18.64 -33.02
N PRO B 217 11.00 -19.18 -32.04
CA PRO B 217 10.97 -20.63 -31.80
C PRO B 217 9.61 -21.14 -31.31
N ARG B 218 8.71 -20.25 -30.90
CA ARG B 218 7.39 -20.61 -30.39
C ARG B 218 7.45 -21.68 -29.31
N GLY B 219 8.41 -21.50 -28.39
CA GLY B 219 8.44 -22.26 -27.15
C GLY B 219 7.82 -21.48 -26.02
N ARG B 220 7.97 -22.03 -24.81
CA ARG B 220 7.44 -21.36 -23.63
C ARG B 220 8.45 -20.43 -22.96
N PHE B 221 9.75 -20.67 -23.17
CA PHE B 221 10.80 -19.86 -22.56
C PHE B 221 11.82 -19.45 -23.63
N ASP B 222 11.32 -18.73 -24.63
CA ASP B 222 12.17 -18.21 -25.71
C ASP B 222 12.71 -16.84 -25.30
N VAL B 223 14.04 -16.72 -25.22
CA VAL B 223 14.63 -15.43 -24.88
C VAL B 223 14.44 -14.47 -26.04
N LEU B 224 13.86 -13.32 -25.76
CA LEU B 224 13.62 -12.34 -26.81
C LEU B 224 14.93 -11.77 -27.32
N PRO B 225 14.97 -11.31 -28.57
CA PRO B 225 16.14 -10.56 -29.04
C PRO B 225 16.14 -9.14 -28.50
N LEU B 226 17.35 -8.60 -28.37
CA LEU B 226 17.53 -7.16 -28.20
C LEU B 226 17.08 -6.42 -29.45
N LEU B 227 16.36 -5.31 -29.25
CA LEU B 227 15.96 -4.37 -30.28
C LEU B 227 16.52 -3.01 -29.87
N LEU B 228 17.43 -2.46 -30.67
CA LEU B 228 18.30 -1.39 -30.19
C LEU B 228 18.27 -0.19 -31.12
N GLN B 229 17.99 0.98 -30.56
CA GLN B 229 17.90 2.22 -31.30
C GLN B 229 19.06 3.12 -30.91
N ALA B 230 19.83 3.56 -31.90
CA ALA B 230 21.01 4.39 -31.70
C ALA B 230 20.89 5.68 -32.51
N ASN B 231 21.02 6.82 -31.82
CA ASN B 231 21.02 8.16 -32.44
C ASN B 231 19.79 8.39 -33.32
N GLY B 232 18.61 8.02 -32.81
CA GLY B 232 17.36 8.28 -33.50
C GLY B 232 17.04 7.37 -34.66
N ASN B 233 17.86 6.39 -34.95
CA ASN B 233 17.64 5.55 -36.12
C ASN B 233 16.67 4.43 -35.80
N ASP B 234 16.25 3.72 -36.84
CA ASP B 234 15.39 2.56 -36.66
C ASP B 234 16.10 1.51 -35.80
N PRO B 235 15.36 0.71 -35.04
CA PRO B 235 15.99 -0.28 -34.17
C PRO B 235 16.44 -1.51 -34.95
N GLU B 236 17.37 -2.25 -34.37
CA GLU B 236 17.95 -3.42 -35.02
C GLU B 236 17.97 -4.61 -34.07
N LEU B 237 17.79 -5.80 -34.63
CA LEU B 237 17.67 -7.02 -33.85
C LEU B 237 19.03 -7.64 -33.56
N PHE B 238 19.21 -8.10 -32.32
CA PHE B 238 20.41 -8.84 -31.92
C PHE B 238 20.01 -9.94 -30.94
N GLN B 239 20.53 -11.14 -31.16
CA GLN B 239 20.36 -12.25 -30.22
C GLN B 239 21.48 -12.24 -29.18
N ILE B 240 21.12 -12.23 -27.91
CA ILE B 240 22.14 -12.36 -26.86
C ILE B 240 22.73 -13.76 -26.92
N PRO B 241 24.05 -13.92 -26.89
CA PRO B 241 24.64 -15.26 -26.96
C PRO B 241 24.17 -16.11 -25.80
N PRO B 242 23.61 -17.28 -26.08
CA PRO B 242 22.91 -18.07 -25.04
C PRO B 242 23.74 -18.35 -23.79
N GLU B 243 25.04 -18.60 -23.93
CA GLU B 243 25.85 -18.85 -22.75
C GLU B 243 25.94 -17.64 -21.84
N LEU B 244 25.56 -16.45 -22.30
CA LEU B 244 25.51 -15.28 -21.43
C LEU B 244 24.27 -15.27 -20.53
N VAL B 245 23.25 -16.05 -20.86
CA VAL B 245 21.95 -15.99 -20.21
C VAL B 245 21.89 -17.11 -19.17
N LEU B 246 22.05 -16.75 -17.89
CA LEU B 246 21.96 -17.74 -16.81
C LEU B 246 20.50 -17.99 -16.44
N GLU B 247 20.12 -19.26 -16.32
CA GLU B 247 18.74 -19.64 -16.00
C GLU B 247 18.71 -20.65 -14.87
N VAL B 248 17.59 -20.70 -14.16
CA VAL B 248 17.42 -21.60 -13.03
C VAL B 248 16.18 -22.46 -13.27
N PRO B 249 16.32 -23.79 -13.33
CA PRO B 249 15.12 -24.65 -13.38
C PRO B 249 14.42 -24.65 -12.03
N ILE B 250 13.12 -24.41 -12.04
CA ILE B 250 12.36 -24.28 -10.80
C ILE B 250 11.93 -25.68 -10.34
N ARG B 251 12.36 -26.07 -9.15
CA ARG B 251 11.91 -27.29 -8.51
C ARG B 251 11.58 -27.00 -7.04
N HIS B 252 10.99 -27.99 -6.37
CA HIS B 252 10.49 -27.79 -5.04
C HIS B 252 11.11 -28.76 -4.05
N PRO B 253 11.49 -28.31 -2.86
CA PRO B 253 12.23 -29.19 -1.92
C PRO B 253 11.41 -30.34 -1.35
N LYS B 254 10.08 -30.32 -1.44
CA LYS B 254 9.25 -31.41 -0.97
C LYS B 254 8.41 -32.06 -2.06
N PHE B 255 7.97 -31.30 -3.05
CA PHE B 255 7.05 -31.78 -4.08
C PHE B 255 7.87 -32.16 -5.31
N GLU B 256 8.23 -33.45 -5.40
CA GLU B 256 9.05 -33.90 -6.50
C GLU B 256 8.34 -33.75 -7.85
N TRP B 257 7.02 -33.56 -7.85
CA TRP B 257 6.27 -33.34 -9.09
C TRP B 257 6.41 -31.92 -9.61
N PHE B 258 7.10 -31.03 -8.89
CA PHE B 258 7.18 -29.64 -9.31
C PHE B 258 8.08 -29.49 -10.53
N LYS B 259 9.22 -30.20 -10.57
CA LYS B 259 10.10 -30.11 -11.72
C LYS B 259 9.39 -30.51 -13.01
N ASP B 260 8.37 -31.36 -12.89
CA ASP B 260 7.60 -31.81 -14.04
C ASP B 260 6.72 -30.72 -14.64
N LEU B 261 6.50 -29.62 -13.92
CA LEU B 261 5.81 -28.48 -14.52
C LEU B 261 6.60 -27.88 -15.68
N GLY B 262 7.91 -28.12 -15.73
CA GLY B 262 8.74 -27.63 -16.82
C GLY B 262 9.09 -26.17 -16.75
N LEU B 263 9.13 -25.59 -15.56
CA LEU B 263 9.34 -24.16 -15.40
C LEU B 263 10.80 -23.81 -15.14
N LYS B 264 11.15 -22.57 -15.46
CA LYS B 264 12.46 -22.00 -15.20
C LYS B 264 12.35 -20.50 -15.44
N TRP B 265 13.32 -19.77 -14.92
CA TRP B 265 13.36 -18.33 -15.13
C TRP B 265 14.82 -17.92 -15.35
N TYR B 266 15.01 -16.69 -15.78
CA TYR B 266 16.35 -16.16 -15.91
C TYR B 266 16.83 -15.58 -14.58
N GLY B 267 18.15 -15.58 -14.40
CA GLY B 267 18.72 -15.10 -13.16
C GLY B 267 18.89 -13.59 -13.05
N LEU B 268 18.93 -12.89 -14.19
CA LEU B 268 19.36 -11.49 -14.14
C LEU B 268 18.22 -10.54 -14.50
N PRO B 269 17.71 -9.78 -13.52
CA PRO B 269 16.71 -8.73 -13.80
C PRO B 269 17.41 -7.42 -14.20
N ALA B 270 17.14 -6.95 -15.40
CA ALA B 270 17.86 -5.79 -15.91
C ALA B 270 16.89 -4.86 -16.62
N VAL B 271 16.45 -3.84 -15.91
CA VAL B 271 15.42 -2.95 -16.43
C VAL B 271 16.07 -1.95 -17.37
N SER B 272 15.48 -1.81 -18.57
CA SER B 272 16.14 -1.14 -19.67
C SER B 272 15.30 -0.06 -20.34
N ASN B 273 14.13 0.27 -19.79
CA ASN B 273 13.22 1.19 -20.48
C ASN B 273 13.03 2.51 -19.74
N MET B 274 13.79 2.75 -18.68
CA MET B 274 13.63 3.96 -17.90
C MET B 274 14.62 5.02 -18.35
N LEU B 275 14.41 6.24 -17.83
CA LEU B 275 15.23 7.40 -18.14
C LEU B 275 16.01 7.83 -16.89
N LEU B 276 17.32 7.96 -17.02
CA LEU B 276 18.17 8.47 -15.95
C LEU B 276 18.41 9.96 -16.17
N GLU B 277 18.03 10.77 -15.17
CA GLU B 277 18.21 12.21 -15.23
C GLU B 277 19.25 12.64 -14.21
N ILE B 278 20.31 13.29 -14.69
CA ILE B 278 21.31 13.91 -13.84
C ILE B 278 21.51 15.35 -14.30
N GLY B 279 21.51 16.29 -13.36
CA GLY B 279 21.86 17.67 -13.62
C GLY B 279 21.19 18.29 -14.84
N GLY B 280 19.92 17.99 -15.04
CA GLY B 280 19.20 18.49 -16.19
C GLY B 280 19.46 17.75 -17.48
N LEU B 281 20.35 16.76 -17.46
CA LEU B 281 20.62 15.95 -18.64
C LEU B 281 19.80 14.67 -18.58
N GLU B 282 19.40 14.18 -19.75
CA GLU B 282 18.52 13.02 -19.85
C GLU B 282 19.22 11.88 -20.58
N PHE B 283 19.28 10.74 -19.92
CA PHE B 283 19.89 9.53 -20.48
C PHE B 283 18.77 8.56 -20.80
N SER B 284 18.33 8.56 -22.05
CA SER B 284 17.16 7.78 -22.46
C SER B 284 17.44 6.29 -22.57
N ALA B 285 18.72 5.89 -22.53
CA ALA B 285 19.06 4.46 -22.53
C ALA B 285 20.09 4.22 -21.44
N CYS B 286 19.68 3.50 -20.40
CA CYS B 286 20.53 3.30 -19.23
C CYS B 286 20.24 1.99 -18.51
N PRO B 287 20.32 0.84 -19.19
CA PRO B 287 19.90 -0.42 -18.53
C PRO B 287 20.62 -0.62 -17.20
N PHE B 288 19.85 -1.02 -16.19
CA PHE B 288 20.42 -1.26 -14.87
C PHE B 288 19.85 -2.54 -14.32
N SER B 289 20.68 -3.22 -13.53
CA SER B 289 20.38 -4.57 -13.11
C SER B 289 20.93 -4.78 -11.71
N GLY B 290 20.28 -5.68 -10.98
CA GLY B 290 20.71 -6.09 -9.67
C GLY B 290 20.50 -7.58 -9.55
N TRP B 291 19.80 -8.01 -8.51
CA TRP B 291 19.37 -9.39 -8.41
C TRP B 291 17.93 -9.42 -7.95
N TYR B 292 17.33 -10.61 -8.00
CA TYR B 292 15.90 -10.77 -7.78
C TYR B 292 15.53 -10.85 -6.30
N MET B 293 14.41 -10.24 -5.97
CA MET B 293 13.62 -10.65 -4.82
C MET B 293 12.68 -11.76 -5.28
N GLY B 294 12.59 -12.83 -4.48
CA GLY B 294 11.90 -14.03 -4.93
C GLY B 294 10.49 -13.80 -5.43
N THR B 295 9.84 -12.75 -4.94
CA THR B 295 8.42 -12.54 -5.20
C THR B 295 8.18 -11.92 -6.57
N GLU B 296 9.20 -11.24 -7.12
CA GLU B 296 9.11 -10.67 -8.46
C GLU B 296 8.85 -11.75 -9.49
N ILE B 297 9.44 -12.94 -9.28
CA ILE B 297 9.20 -14.09 -10.16
C ILE B 297 7.99 -14.88 -9.73
N GLY B 298 7.95 -15.28 -8.45
CA GLY B 298 7.04 -16.28 -7.94
C GLY B 298 5.66 -15.77 -7.58
N VAL B 299 5.49 -14.46 -7.49
CA VAL B 299 4.19 -13.85 -7.25
C VAL B 299 3.70 -13.12 -8.50
N ARG B 300 4.49 -12.18 -9.01
CA ARG B 300 4.06 -11.36 -10.13
C ARG B 300 4.25 -12.07 -11.47
N ASP B 301 5.46 -12.62 -11.70
CA ASP B 301 5.80 -13.20 -13.00
C ASP B 301 5.05 -14.48 -13.31
N TYR B 302 4.55 -15.19 -12.30
CA TYR B 302 3.88 -16.48 -12.51
C TYR B 302 2.41 -16.50 -12.13
N CYS B 303 1.94 -15.54 -11.33
CA CYS B 303 0.62 -15.63 -10.73
C CYS B 303 -0.31 -14.46 -11.00
N ASP B 304 0.16 -13.36 -11.59
CA ASP B 304 -0.77 -12.32 -12.00
C ASP B 304 -1.70 -12.88 -13.07
N ASN B 305 -2.91 -12.32 -13.14
CA ASN B 305 -3.87 -12.74 -14.16
C ASN B 305 -3.26 -12.66 -15.56
N SER B 306 -2.64 -11.52 -15.87
CA SER B 306 -2.02 -11.30 -17.17
C SER B 306 -0.60 -11.85 -17.24
N ARG B 307 -0.28 -12.88 -16.45
CA ARG B 307 1.04 -13.50 -16.47
C ARG B 307 0.95 -15.03 -16.66
N TYR B 308 1.94 -15.79 -16.15
CA TYR B 308 2.04 -17.21 -16.51
C TYR B 308 0.89 -18.02 -15.94
N ASN B 309 0.29 -17.54 -14.84
CA ASN B 309 -0.99 -18.00 -14.28
C ASN B 309 -1.02 -19.52 -14.03
N ILE B 310 0.11 -20.04 -13.53
CA ILE B 310 0.22 -21.46 -13.18
C ILE B 310 -0.43 -21.80 -11.86
N LEU B 311 -0.91 -20.79 -11.11
CA LEU B 311 -1.51 -20.98 -9.80
C LEU B 311 -2.50 -22.14 -9.79
N GLU B 312 -3.41 -22.15 -10.77
CA GLU B 312 -4.42 -23.18 -10.83
C GLU B 312 -3.80 -24.57 -10.93
N GLU B 313 -2.77 -24.72 -11.77
CA GLU B 313 -2.17 -26.03 -11.95
C GLU B 313 -1.45 -26.51 -10.70
N VAL B 314 -0.84 -25.58 -9.93
CA VAL B 314 -0.14 -25.99 -8.72
C VAL B 314 -1.14 -26.44 -7.65
N ALA B 315 -2.22 -25.69 -7.46
CA ALA B 315 -3.26 -26.15 -6.56
C ALA B 315 -3.87 -27.46 -7.03
N LYS B 316 -3.88 -27.68 -8.34
CA LYS B 316 -4.29 -28.97 -8.89
C LYS B 316 -3.44 -30.10 -8.30
N LYS B 317 -2.12 -30.06 -8.54
CA LYS B 317 -1.25 -31.14 -8.10
C LYS B 317 -1.12 -31.23 -6.59
N MET B 318 -1.43 -30.14 -5.87
CA MET B 318 -1.54 -30.21 -4.42
C MET B 318 -2.87 -30.79 -3.97
N ASN B 319 -3.73 -31.18 -4.92
CA ASN B 319 -5.04 -31.80 -4.63
C ASN B 319 -5.86 -30.95 -3.66
N LEU B 320 -5.78 -29.63 -3.84
CA LEU B 320 -6.49 -28.71 -2.97
C LEU B 320 -7.94 -28.54 -3.44
N ASP B 321 -8.78 -28.07 -2.52
CA ASP B 321 -10.18 -27.82 -2.84
C ASP B 321 -10.31 -26.45 -3.49
N MET B 322 -10.57 -26.42 -4.79
CA MET B 322 -10.59 -25.18 -5.56
C MET B 322 -12.00 -24.68 -5.84
N ARG B 323 -13.02 -25.23 -5.19
CA ARG B 323 -14.40 -24.85 -5.52
C ARG B 323 -14.78 -23.48 -4.92
N LYS B 324 -14.35 -23.19 -3.70
CA LYS B 324 -14.64 -21.91 -3.06
C LYS B 324 -13.34 -21.19 -2.70
N THR B 325 -13.37 -19.86 -2.78
CA THR B 325 -12.17 -19.06 -2.48
C THR B 325 -11.79 -19.10 -1.00
N SER B 326 -12.75 -19.36 -0.12
CA SER B 326 -12.53 -19.35 1.33
C SER B 326 -11.60 -20.46 1.81
N SER B 327 -11.27 -21.43 0.96
CA SER B 327 -10.26 -22.41 1.33
C SER B 327 -8.84 -21.88 1.18
N LEU B 328 -8.66 -20.69 0.60
CA LEU B 328 -7.35 -20.05 0.42
C LEU B 328 -6.39 -20.93 -0.39
N TRP B 329 -6.93 -21.68 -1.35
CA TRP B 329 -6.08 -22.50 -2.19
C TRP B 329 -5.12 -21.65 -3.00
N LYS B 330 -5.56 -20.45 -3.42
CA LYS B 330 -4.64 -19.55 -4.11
C LYS B 330 -3.49 -19.13 -3.20
N ASP B 331 -3.78 -18.93 -1.90
CA ASP B 331 -2.73 -18.50 -0.99
C ASP B 331 -1.74 -19.63 -0.72
N GLN B 332 -2.23 -20.85 -0.56
CA GLN B 332 -1.35 -21.99 -0.35
C GLN B 332 -0.43 -22.22 -1.54
N ALA B 333 -0.99 -22.14 -2.75
CA ALA B 333 -0.20 -22.35 -3.96
C ALA B 333 0.83 -21.24 -4.15
N LEU B 334 0.45 -20.00 -3.85
CA LEU B 334 1.40 -18.90 -4.02
C LEU B 334 2.62 -19.09 -3.15
N VAL B 335 2.43 -19.51 -1.90
CA VAL B 335 3.55 -19.70 -0.99
C VAL B 335 4.48 -20.80 -1.49
N GLU B 336 3.91 -21.91 -1.98
CA GLU B 336 4.73 -23.03 -2.44
C GLU B 336 5.52 -22.67 -3.70
N ILE B 337 4.89 -21.97 -4.64
CA ILE B 337 5.60 -21.48 -5.81
C ILE B 337 6.80 -20.64 -5.38
N ASN B 338 6.61 -19.81 -4.36
CA ASN B 338 7.70 -18.96 -3.93
C ASN B 338 8.74 -19.73 -3.11
N ILE B 339 8.34 -20.83 -2.47
CA ILE B 339 9.33 -21.68 -1.81
C ILE B 339 10.25 -22.32 -2.83
N ALA B 340 9.67 -22.77 -3.95
CA ALA B 340 10.46 -23.42 -5.00
C ALA B 340 11.45 -22.44 -5.62
N VAL B 341 11.00 -21.23 -5.94
CA VAL B 341 11.85 -20.24 -6.58
C VAL B 341 13.09 -19.97 -5.73
N LEU B 342 12.89 -19.62 -4.45
CA LEU B 342 14.01 -19.41 -3.55
C LEU B 342 14.87 -20.66 -3.42
N TYR B 343 14.22 -21.83 -3.40
CA TYR B 343 14.98 -23.06 -3.20
C TYR B 343 15.84 -23.40 -4.41
N SER B 344 15.40 -22.98 -5.61
CA SER B 344 16.11 -23.35 -6.83
C SER B 344 17.31 -22.43 -7.08
N PHE B 345 17.09 -21.13 -6.92
CA PHE B 345 18.19 -20.17 -7.05
C PHE B 345 19.26 -20.42 -6.01
N GLN B 346 18.85 -20.77 -4.77
CA GLN B 346 19.83 -21.01 -3.74
C GLN B 346 20.60 -22.30 -4.00
N SER B 347 19.93 -23.32 -4.50
CA SER B 347 20.60 -24.56 -4.84
C SER B 347 21.57 -24.37 -6.00
N ASP B 348 21.27 -23.48 -6.93
CA ASP B 348 22.17 -23.19 -8.04
C ASP B 348 23.18 -22.10 -7.71
N LYS B 349 23.17 -21.59 -6.47
CA LYS B 349 24.09 -20.54 -6.04
C LYS B 349 23.92 -19.27 -6.89
N VAL B 350 22.73 -19.06 -7.40
CA VAL B 350 22.38 -17.81 -8.05
C VAL B 350 21.82 -16.87 -7.00
N THR B 351 22.34 -15.65 -6.96
CA THR B 351 21.94 -14.67 -5.98
C THR B 351 20.43 -14.40 -6.05
N ILE B 352 19.77 -14.54 -4.91
CA ILE B 352 18.36 -14.19 -4.78
C ILE B 352 18.12 -13.81 -3.32
N VAL B 353 17.16 -12.92 -3.09
CA VAL B 353 16.81 -12.50 -1.74
C VAL B 353 15.31 -12.75 -1.55
N ASP B 354 14.97 -13.30 -0.38
CA ASP B 354 13.58 -13.47 -0.01
C ASP B 354 13.04 -12.15 0.56
N HIS B 355 11.72 -12.00 0.51
CA HIS B 355 11.12 -10.72 0.88
C HIS B 355 11.22 -10.44 2.38
N HIS B 356 11.44 -11.45 3.22
CA HIS B 356 11.68 -11.19 4.65
C HIS B 356 13.03 -10.52 4.86
N SER B 357 14.08 -11.10 4.29
CA SER B 357 15.41 -10.53 4.46
C SER B 357 15.51 -9.16 3.81
N ALA B 358 14.94 -9.01 2.59
CA ALA B 358 15.04 -7.75 1.86
C ALA B 358 14.39 -6.61 2.63
N THR B 359 13.12 -6.79 3.04
CA THR B 359 12.44 -5.74 3.79
C THR B 359 13.16 -5.44 5.09
N GLU B 360 13.64 -6.48 5.76
CA GLU B 360 14.43 -6.28 6.97
C GLU B 360 15.68 -5.44 6.71
N SER B 361 16.41 -5.75 5.62
CA SER B 361 17.57 -4.92 5.28
CA SER B 361 17.57 -4.92 5.26
C SER B 361 17.15 -3.49 4.98
N PHE B 362 15.99 -3.29 4.34
CA PHE B 362 15.55 -1.93 4.01
C PHE B 362 15.23 -1.11 5.26
N ILE B 363 14.59 -1.71 6.27
CA ILE B 363 14.40 -0.99 7.53
C ILE B 363 15.74 -0.53 8.07
N LYS B 364 16.73 -1.43 8.06
CA LYS B 364 18.08 -1.05 8.46
C LYS B 364 18.61 0.07 7.58
N HIS B 365 18.32 0.02 6.28
CA HIS B 365 18.79 1.05 5.37
C HIS B 365 18.14 2.39 5.68
N MET B 366 16.84 2.37 5.99
CA MET B 366 16.14 3.59 6.43
C MET B 366 16.80 4.19 7.66
N GLU B 367 17.11 3.36 8.66
CA GLU B 367 17.78 3.87 9.85
CA GLU B 367 17.77 3.88 9.86
C GLU B 367 19.05 4.61 9.49
N ASN B 368 19.90 3.99 8.66
CA ASN B 368 21.15 4.62 8.27
C ASN B 368 20.90 5.96 7.61
N GLU B 369 19.95 5.99 6.67
CA GLU B 369 19.67 7.19 5.88
C GLU B 369 19.21 8.34 6.76
N TYR B 370 18.27 8.08 7.68
CA TYR B 370 17.81 9.16 8.54
C TYR B 370 18.94 9.72 9.38
N ARG B 371 19.83 8.88 9.87
CA ARG B 371 20.97 9.36 10.64
C ARG B 371 21.89 10.22 9.78
N CYS B 372 22.48 9.63 8.75
CA CYS B 372 23.52 10.37 8.03
C CYS B 372 22.92 11.40 7.07
N ARG B 373 21.69 11.19 6.60
CA ARG B 373 21.18 12.02 5.51
C ARG B 373 19.91 12.80 5.83
N GLY B 374 19.30 12.58 7.00
CA GLY B 374 18.09 13.30 7.36
C GLY B 374 16.81 12.77 6.75
N GLY B 375 16.80 11.56 6.23
CA GLY B 375 15.61 11.00 5.63
C GLY B 375 15.95 10.01 4.54
N CYS B 376 14.88 9.41 4.01
CA CYS B 376 14.92 8.42 2.96
C CYS B 376 13.55 8.38 2.27
N PRO B 377 13.40 8.96 1.08
CA PRO B 377 12.13 8.83 0.35
C PRO B 377 11.81 7.37 0.10
N ALA B 378 10.53 7.02 0.27
CA ALA B 378 10.14 5.62 0.28
C ALA B 378 8.65 5.52 -0.04
N ASP B 379 8.32 4.64 -0.98
CA ASP B 379 6.98 4.49 -1.54
C ASP B 379 6.40 3.20 -0.97
N TRP B 380 5.58 3.35 0.08
CA TRP B 380 5.07 2.18 0.80
C TRP B 380 4.28 1.27 -0.13
N VAL B 381 3.52 1.86 -1.06
CA VAL B 381 2.79 1.07 -2.06
C VAL B 381 3.73 0.14 -2.80
N TRP B 382 4.94 0.57 -3.07
CA TRP B 382 5.86 -0.28 -3.80
C TRP B 382 6.83 -1.04 -2.90
N ILE B 383 7.17 -0.50 -1.72
CA ILE B 383 8.13 -1.16 -0.84
C ILE B 383 7.55 -2.45 -0.24
N VAL B 384 6.26 -2.45 0.11
CA VAL B 384 5.65 -3.64 0.75
C VAL B 384 5.56 -4.76 -0.27
N PRO B 385 6.04 -5.96 0.04
CA PRO B 385 5.99 -7.08 -0.93
C PRO B 385 4.56 -7.48 -1.28
N PRO B 386 4.35 -8.11 -2.44
CA PRO B 386 3.00 -8.48 -2.87
C PRO B 386 2.45 -9.73 -2.22
N MET B 387 3.13 -10.27 -1.20
CA MET B 387 2.53 -11.32 -0.38
C MET B 387 3.05 -11.18 1.04
N SER B 388 2.24 -11.66 2.00
CA SER B 388 2.65 -11.69 3.40
C SER B 388 3.06 -10.30 3.89
N GLY B 389 2.32 -9.29 3.43
CA GLY B 389 2.70 -7.91 3.72
C GLY B 389 2.93 -7.63 5.19
N SER B 390 1.93 -7.92 6.03
CA SER B 390 2.02 -7.43 7.39
C SER B 390 2.96 -8.25 8.27
N ILE B 391 3.37 -9.45 7.85
CA ILE B 391 4.44 -10.16 8.56
C ILE B 391 5.82 -9.81 8.01
N THR B 392 5.96 -8.61 7.41
CA THR B 392 7.29 -8.06 7.16
C THR B 392 7.37 -6.69 7.81
N PRO B 393 8.59 -6.25 8.16
CA PRO B 393 8.74 -5.01 8.95
C PRO B 393 8.40 -3.73 8.21
N VAL B 394 8.17 -3.77 6.90
CA VAL B 394 7.87 -2.52 6.21
C VAL B 394 6.39 -2.16 6.26
N PHE B 395 5.51 -3.16 6.47
CA PHE B 395 4.09 -2.91 6.60
C PHE B 395 3.80 -1.87 7.67
N HIS B 396 4.43 -1.99 8.83
CA HIS B 396 4.11 -1.13 9.97
C HIS B 396 4.96 0.12 10.02
N GLN B 397 5.81 0.31 9.01
CA GLN B 397 6.75 1.42 8.96
C GLN B 397 6.14 2.58 8.16
N GLU B 398 5.97 3.72 8.79
CA GLU B 398 5.48 4.88 8.07
C GLU B 398 6.57 5.42 7.17
N MET B 399 6.21 5.72 5.94
CA MET B 399 7.17 6.23 4.97
C MET B 399 6.68 7.57 4.44
N LEU B 400 7.64 8.43 4.11
CA LEU B 400 7.40 9.70 3.44
C LEU B 400 7.97 9.61 2.04
N ASN B 401 7.13 9.92 1.05
CA ASN B 401 7.55 9.84 -0.34
C ASN B 401 7.73 11.22 -0.92
N TYR B 402 8.87 11.43 -1.57
CA TYR B 402 9.18 12.71 -2.20
C TYR B 402 10.28 12.46 -3.22
N ARG B 403 10.45 13.43 -4.12
CA ARG B 403 11.21 13.25 -5.36
C ARG B 403 12.52 14.02 -5.26
N LEU B 404 13.62 13.31 -5.09
CA LEU B 404 14.93 13.94 -5.10
C LEU B 404 15.61 13.67 -6.44
N THR B 405 16.44 14.62 -6.86
CA THR B 405 17.14 14.36 -8.10
C THR B 405 18.65 14.27 -7.83
N PRO B 406 19.39 13.44 -8.57
CA PRO B 406 19.15 12.57 -9.74
C PRO B 406 18.13 11.45 -9.51
N SER B 407 17.51 10.98 -10.58
CA SER B 407 16.44 10.00 -10.45
C SER B 407 16.28 9.19 -11.72
N PHE B 408 15.66 8.02 -11.55
CA PHE B 408 15.13 7.23 -12.65
C PHE B 408 13.67 7.61 -12.88
N GLU B 409 13.30 7.80 -14.14
CA GLU B 409 11.96 8.23 -14.50
C GLU B 409 11.36 7.28 -15.53
N TYR B 410 10.06 7.42 -15.73
CA TYR B 410 9.40 6.73 -16.82
C TYR B 410 9.47 7.57 -18.07
N GLN B 411 9.38 6.90 -19.21
CA GLN B 411 9.30 7.55 -20.51
C GLN B 411 8.33 6.75 -21.38
N PRO B 412 7.84 7.35 -22.46
CA PRO B 412 6.95 6.59 -23.35
C PRO B 412 7.66 5.42 -24.01
N ASP B 413 6.89 4.39 -24.33
CA ASP B 413 7.41 3.31 -25.14
C ASP B 413 7.91 3.87 -26.49
N PRO B 414 9.02 3.37 -27.01
CA PRO B 414 9.59 3.96 -28.23
C PRO B 414 8.71 3.77 -29.46
N TRP B 415 8.00 2.65 -29.54
CA TRP B 415 7.17 2.43 -30.73
C TRP B 415 5.98 3.38 -30.82
N ASN B 416 5.83 4.31 -29.88
CA ASN B 416 4.80 5.33 -29.96
C ASN B 416 5.32 6.67 -30.48
N THR B 417 6.59 6.99 -30.28
CA THR B 417 7.13 8.29 -30.65
C THR B 417 8.02 8.26 -31.87
N HIS B 418 8.69 7.14 -32.12
CA HIS B 418 9.76 7.07 -33.11
C HIS B 418 9.23 7.38 -34.51
N VAL B 419 9.79 8.41 -35.14
CA VAL B 419 9.51 8.73 -36.54
C VAL B 419 10.23 7.71 -37.41
N TRP B 420 9.46 6.72 -37.90
CA TRP B 420 10.04 5.61 -38.64
C TRP B 420 10.62 6.07 -39.98
N LYS B 421 11.37 5.18 -40.60
CA LYS B 421 11.97 5.44 -41.91
C LYS B 421 12.37 4.14 -42.59
CHA HEM C . -11.83 -0.02 7.99
CHB HEM C . -13.98 -4.10 6.60
CHC HEM C . -18.24 -2.36 8.08
CHD HEM C . -16.22 1.98 8.63
C1A HEM C . -12.03 -1.31 7.61
C2A HEM C . -11.01 -2.33 7.45
C3A HEM C . -11.61 -3.46 7.07
C4A HEM C . -13.04 -3.19 6.97
CMA HEM C . -10.93 -4.81 6.77
CAA HEM C . -9.51 -2.18 7.70
CBA HEM C . -9.33 -2.73 9.12
CGA HEM C . -7.91 -2.93 9.53
O1A HEM C . -7.03 -3.01 8.64
O2A HEM C . -7.64 -3.04 10.76
C1B HEM C . -15.31 -3.98 6.88
C2B HEM C . -16.31 -4.98 6.60
C3B HEM C . -17.50 -4.50 6.98
C4B HEM C . -17.28 -3.18 7.54
CMB HEM C . -15.99 -6.33 5.94
CAB HEM C . -18.84 -5.26 6.89
CBB HEM C . -19.98 -4.62 6.63
C1C HEM C . -18.07 -1.02 8.39
C2C HEM C . -19.08 -0.13 8.91
C3C HEM C . -18.51 1.08 9.09
C4C HEM C . -17.14 0.96 8.64
CMC HEM C . -20.53 -0.58 9.25
CAC HEM C . -19.11 2.42 9.58
CBC HEM C . -20.43 2.67 9.48
C1D HEM C . -14.87 1.77 8.55
C2D HEM C . -13.89 2.80 8.83
C3D HEM C . -12.68 2.25 8.66
C4D HEM C . -12.86 0.87 8.26
CMD HEM C . -14.18 4.24 9.24
CAD HEM C . -11.33 2.97 8.82
CBD HEM C . -10.78 2.87 10.23
CGD HEM C . -9.56 3.77 10.33
O1D HEM C . -9.45 4.78 9.57
O2D HEM C . -8.69 3.48 11.18
NA HEM C . -13.26 -1.88 7.32
NB HEM C . -15.93 -2.88 7.45
NC HEM C . -16.90 -0.32 8.23
ND HEM C . -14.23 0.61 8.20
FE HEM C . -15.13 -1.06 7.48
N1 H4B D . -3.76 -1.33 6.24
C2 H4B D . -4.78 -1.86 6.96
N2 H4B D . -5.86 -2.35 6.30
N3 H4B D . -4.71 -1.88 8.32
C4 H4B D . -3.65 -1.40 8.97
O4 H4B D . -3.62 -1.43 10.21
C4A H4B D . -2.60 -0.85 8.25
C8A H4B D . -2.69 -0.83 6.86
N5 H4B D . -1.52 -0.33 8.86
N8 H4B D . -1.71 -0.31 6.11
C6 H4B D . -0.79 0.66 8.10
C7 H4B D . -0.46 0.17 6.71
C9 H4B D . 0.46 1.11 8.83
O9 H4B D . 1.11 -0.02 9.43
C10 H4B D . 1.41 1.81 7.86
C11 H4B D . 2.63 2.39 8.55
O10 H4B D . 0.69 2.85 7.19
C10 OU7 E . -13.15 -2.66 11.01
C02 OU7 E . -14.42 -4.49 10.26
C05 OU7 E . -14.31 -1.92 11.20
C06 OU7 E . -14.21 -0.61 11.69
C07 OU7 E . -12.96 -0.06 11.96
C09 OU7 E . -11.90 -2.09 11.30
C11 OU7 E . -16.82 -1.69 11.16
C21 OU7 E . -10.48 -0.16 12.13
C23 OU7 E . -8.08 -0.13 12.19
C24 OU7 E . -8.08 0.98 13.02
C03 OU7 E . -15.61 -3.78 10.46
C04 OU7 E . -15.55 -2.49 10.94
C08 OU7 E . -11.80 -0.78 11.75
C22 OU7 E . -9.26 -0.72 11.76
C25 OU7 E . -9.29 1.51 13.43
C26 OU7 E . -10.47 0.92 13.00
C27 OU7 E . -9.33 2.73 14.35
C30 OU7 E . -6.09 0.70 14.30
C32 OU7 E . -3.47 3.30 15.79
C34 OU7 E . -4.37 1.20 16.27
C35 OU7 E . -5.06 1.46 15.10
N01 OU7 E . -13.24 -3.92 10.54
N02 OU7 E . -14.45 -5.75 9.79
N28 OU7 E . -9.91 2.41 15.67
N33 OU7 E . -3.50 2.21 16.63
O29 OU7 E . -6.88 1.52 13.44
S31 OU7 E . -4.58 3.00 14.50
C1 GOL F . -21.05 14.94 -2.12
O1 GOL F . -20.27 14.38 -1.07
C2 GOL F . -22.30 14.10 -2.40
O2 GOL F . -22.41 12.99 -1.55
C3 GOL F . -22.31 13.55 -3.81
O3 GOL F . -23.00 12.32 -3.73
C1 GOL G . -31.37 2.36 9.24
O1 GOL G . -32.06 3.20 10.13
C2 GOL G . -31.73 2.50 7.74
O2 GOL G . -32.74 3.46 7.48
C3 GOL G . -32.17 1.14 7.21
O3 GOL G . -31.09 0.49 6.60
ZN ZN H . -0.30 11.45 -1.32
CHA HEM I . 12.17 -1.33 -8.00
CHB HEM I . 14.48 -4.91 -5.70
CHC HEM I . 18.64 -3.07 -7.37
CHD HEM I . 16.42 0.74 -9.33
C1A HEM I . 12.43 -2.50 -7.32
C2A HEM I . 11.45 -3.48 -6.89
C3A HEM I . 12.09 -4.47 -6.26
C4A HEM I . 13.50 -4.15 -6.26
CMA HEM I . 11.48 -5.74 -5.61
CAA HEM I . 9.93 -3.43 -7.11
CBA HEM I . 9.67 -4.20 -8.40
CGA HEM I . 8.23 -4.61 -8.51
O1A HEM I . 7.77 -5.40 -7.64
O2A HEM I . 7.54 -4.18 -9.46
C1B HEM I . 15.81 -4.72 -5.97
C2B HEM I . 16.87 -5.59 -5.54
C3B HEM I . 18.03 -5.09 -5.99
C4B HEM I . 17.73 -3.88 -6.74
CMB HEM I . 16.65 -6.86 -4.71
CAB HEM I . 19.43 -5.71 -5.77
CBB HEM I . 20.57 -5.05 -5.96
C1C HEM I . 18.42 -1.93 -8.10
C2C HEM I . 19.41 -1.22 -8.91
C3C HEM I . 18.78 -0.16 -9.46
C4C HEM I . 17.40 -0.17 -9.01
CMC HEM I . 20.89 -1.66 -9.10
CAC HEM I . 19.37 0.93 -10.37
CBC HEM I . 20.66 1.30 -10.31
C1D HEM I . 15.07 0.51 -9.13
C2D HEM I . 13.97 1.38 -9.54
C3D HEM I . 12.83 0.81 -9.16
C4D HEM I . 13.11 -0.45 -8.51
CMD HEM I . 14.12 2.74 -10.26
CAD HEM I . 11.42 1.40 -9.38
CBD HEM I . 11.01 1.40 -10.84
CGD HEM I . 9.70 2.15 -10.98
O1D HEM I . 9.57 3.30 -10.46
O2D HEM I . 8.78 1.58 -11.61
NA HEM I . 13.67 -2.94 -6.91
NB HEM I . 16.35 -3.67 -6.70
NC HEM I . 17.22 -1.27 -8.19
ND HEM I . 14.50 -0.59 -8.50
FE HEM I . 15.45 -1.92 -7.28
N1 H4B J . 3.98 -2.99 -5.77
C2 H4B J . 4.99 -3.71 -6.30
N2 H4B J . 5.94 -4.21 -5.46
N3 H4B J . 5.04 -3.94 -7.64
C4 H4B J . 4.08 -3.42 -8.47
O4 H4B J . 4.13 -3.62 -9.69
C4A H4B J . 3.04 -2.69 -7.94
C8A H4B J . 3.01 -2.47 -6.57
N5 H4B J . 2.08 -2.17 -8.74
N8 H4B J . 2.03 -1.76 -6.00
C6 H4B J . 1.32 -1.05 -8.20
C7 H4B J . 0.89 -1.27 -6.76
C9 H4B J . 0.08 -0.75 -9.03
O9 H4B J . -0.54 -1.98 -9.41
C10 H4B J . -0.90 0.08 -8.18
C11 H4B J . -2.19 0.36 -8.93
O10 H4B J . -0.27 1.32 -7.81
C10 OU7 K . 13.56 -4.42 -10.35
C02 OU7 K . 15.08 -5.92 -9.29
C05 OU7 K . 14.62 -3.59 -10.67
C06 OU7 K . 14.41 -2.42 -11.37
C07 OU7 K . 13.13 -2.06 -11.74
C09 OU7 K . 12.26 -4.06 -10.73
C11 OU7 K . 17.03 -3.04 -10.72
C21 OU7 K . 10.69 -2.42 -11.92
C23 OU7 K . 8.31 -2.56 -12.12
C24 OU7 K . 8.26 -1.58 -13.11
C03 OU7 K . 16.15 -5.11 -9.62
C04 OU7 K . 15.90 -3.94 -10.31
C08 OU7 K . 12.04 -2.85 -11.41
C22 OU7 K . 9.49 -3.00 -11.54
C25 OU7 K . 9.49 -1.04 -13.55
C26 OU7 K . 10.66 -1.48 -12.94
C27 OU7 K . 9.63 0.03 -14.62
C30 OU7 K . 6.39 -0.12 -14.15
C32 OU7 K . 3.96 -0.32 -17.36
C34 OU7 K . 5.31 -1.70 -16.06
C35 OU7 K . 5.55 -0.51 -15.36
N01 OU7 K . 13.81 -5.56 -9.67
N02 OU7 K . 15.30 -7.05 -8.58
N28 OU7 K . 9.84 -0.53 -15.97
N33 OU7 K . 4.45 -1.57 -17.12
O29 OU7 K . 6.99 -1.30 -13.60
S31 OU7 K . 4.63 0.73 -16.15
C1 GOL L . 20.21 15.87 -1.28
O1 GOL L . 19.80 15.56 -2.59
C2 GOL L . 21.64 15.41 -0.98
O2 GOL L . 22.17 14.56 -1.98
C3 GOL L . 21.71 14.67 0.35
O3 GOL L . 22.90 13.94 0.39
#